data_6E9F
#
_entry.id   6E9F
#
_cell.length_a   1
_cell.length_b   1
_cell.length_c   1
_cell.angle_alpha   90
_cell.angle_beta   90
_cell.angle_gamma   90
#
_symmetry.space_group_name_H-M   'P 1'
#
loop_
_entity.id
_entity.type
_entity.pdbx_description
1 polymer EsCas13d
2 polymer 'crRNA (52-MER)'
3 polymer 'RNA (27-MER)'
4 non-polymer 'MAGNESIUM ION'
#
loop_
_entity_poly.entity_id
_entity_poly.type
_entity_poly.pdbx_seq_one_letter_code
_entity_poly.pdbx_strand_id
1 'polypeptide(L)'
;MGKKIHARDLREQRKTDRTEKFADQNKKREAERAVPKKDAAVSVKSVSSVSSKKDNVTKSMAKAAGVKSVFAVGNTVYMT
SFGRGNDAVLEQKIVDTSHEPLNIDDPAYQLNVVTMNGYSVTGHRGETVSAVTDNPLRRFNGRKKDEPEQSVPTDMLCLK
PTLEKKFFGKEFDDNIHIQLIYNILDIEKILAVYSTNAIYALNNMSADENIENSDFFMKRTTDETFDDFEKKKESTNSRE
KADFDAFEKFIGNYRLAYFADAFYVNKKNPKGKAKNVLREDKELYSVLTLIGKLAHWCVASEEGRAEFWLYKLDELKDDF
KNVLDVVYNRPVEEINNRFIENNKVNIQILGSVYKNTDIAELVRSYYEFLITKKYKNMGFSIKKLRESMLEGKGYADKEY
DSVRNKLYQMTDFILYTGYINEDSDRADDLVNTLRSSLKEDDKTTVYCKEADYLWKKYRESIREVADALDGDNIKKLSKS
NIEIQEDKLRKCFISYADSVSEFTKLIYLLTRFLSGKEINDLVTTLINKFDNIRSFLEIMDELGLDRTFTAEYSFFEGST
KYLAELVELNSFVKSCSFDINAKRTMYRDALDILGIESDKTEEDIEKMIDNILQIDANGDKKLKKNNGLRNFIASNVIDS
NRFKYLVRYGNPKKIRETAKCKPAVRFVLNEIPDAQIERYYEACCPKNTALCSANKRREKLADMIAEIKFENFSDAGNYQ
KANVTSRTSEAEIKRKNQAIIRLYLTVMYIMLKNLVNVNARYVIAFHCVERDTKLYAESGLEVGNIEKNKTNLTMAVMGV
KLENGIIKTEFDKSFAENAANRYLRNARWYKLILDNLKKSERAVVNEFANTVCALNAIRNININIKEIKEVENYFALYHY
LIQKHLENRFADKKVERDTGDFISKLEEHKTYCKDFVKAYCTPFGYNLVRYKNLTIDGLFDKNYPGKDDSDEQK
;
A
2 'polyribonucleotide' CACCCGUGCAAAAAUGCAGGGGUCUAAAACGACCUGAAUAUUUCAGAUCAAA B
3 'polyribonucleotide' ACGUUUUGAUCUGAAAUAUUCAGGUCU C
#
loop_
_chem_comp.id
_chem_comp.type
_chem_comp.name
_chem_comp.formula
A RNA linking ADENOSINE-5'-MONOPHOSPHATE 'C10 H14 N5 O7 P'
C RNA linking CYTIDINE-5'-MONOPHOSPHATE 'C9 H14 N3 O8 P'
G RNA linking GUANOSINE-5'-MONOPHOSPHATE 'C10 H14 N5 O8 P'
MG non-polymer 'MAGNESIUM ION' 'Mg 2'
U RNA linking URIDINE-5'-MONOPHOSPHATE 'C9 H13 N2 O9 P'
#
# COMPACT_ATOMS: atom_id res chain seq x y z
N THR A 58 19.22 11.37 -13.16
CA THR A 58 18.16 12.29 -13.53
C THR A 58 17.31 11.76 -14.69
N LYS A 59 16.96 12.67 -15.60
CA LYS A 59 16.18 12.31 -16.78
C LYS A 59 16.96 11.41 -17.73
N SER A 60 16.23 10.62 -18.49
CA SER A 60 16.80 9.78 -19.53
C SER A 60 16.28 10.34 -20.84
N MET A 61 17.20 10.83 -21.68
CA MET A 61 16.80 11.53 -22.89
C MET A 61 16.16 10.62 -23.92
N ALA A 62 16.27 9.30 -23.76
CA ALA A 62 15.58 8.40 -24.66
C ALA A 62 14.07 8.47 -24.47
N LYS A 63 13.60 8.26 -23.24
CA LYS A 63 12.16 8.24 -23.02
C LYS A 63 11.55 9.63 -23.00
N ALA A 64 12.37 10.66 -22.87
CA ALA A 64 11.88 12.00 -23.14
C ALA A 64 11.76 12.26 -24.63
N ALA A 65 12.45 11.49 -25.45
CA ALA A 65 12.35 11.60 -26.90
C ALA A 65 11.28 10.71 -27.49
N GLY A 66 10.70 9.82 -26.71
CA GLY A 66 9.53 9.09 -27.16
C GLY A 66 9.78 7.62 -27.29
N VAL A 67 10.99 7.12 -27.17
CA VAL A 67 11.20 5.68 -27.25
C VAL A 67 10.75 5.00 -25.97
N LYS A 68 9.78 4.10 -26.10
CA LYS A 68 9.22 3.45 -24.93
C LYS A 68 10.18 2.38 -24.46
N SER A 69 10.39 1.35 -25.28
CA SER A 69 11.30 0.29 -24.93
C SER A 69 11.80 -0.36 -26.21
N VAL A 70 12.98 -0.95 -26.14
CA VAL A 70 13.66 -1.47 -27.32
C VAL A 70 13.61 -2.98 -27.21
N PHE A 71 12.59 -3.59 -27.78
CA PHE A 71 12.48 -5.03 -27.77
C PHE A 71 13.41 -5.63 -28.81
N ALA A 72 13.94 -6.80 -28.50
CA ALA A 72 14.77 -7.53 -29.45
C ALA A 72 14.26 -8.96 -29.55
N VAL A 73 13.90 -9.38 -30.75
CA VAL A 73 13.47 -10.75 -31.00
C VAL A 73 14.28 -11.43 -32.09
N GLY A 74 14.91 -12.54 -31.75
CA GLY A 74 15.71 -13.31 -32.68
C GLY A 74 16.84 -12.49 -33.27
N ASN A 75 16.63 -12.06 -34.51
CA ASN A 75 17.60 -11.28 -35.22
C ASN A 75 17.25 -9.80 -35.27
N THR A 76 15.98 -9.47 -35.36
CA THR A 76 15.55 -8.09 -35.53
C THR A 76 15.36 -7.41 -34.20
N VAL A 77 15.28 -6.09 -34.25
CA VAL A 77 15.19 -5.23 -33.07
C VAL A 77 13.98 -4.34 -33.25
N TYR A 78 12.89 -4.66 -32.57
CA TYR A 78 11.76 -3.73 -32.64
C TYR A 78 12.01 -2.53 -31.76
N MET A 79 11.13 -1.54 -31.87
CA MET A 79 11.31 -0.30 -31.13
C MET A 79 9.96 0.39 -31.05
N THR A 80 9.51 0.68 -29.84
CA THR A 80 8.15 1.11 -29.59
C THR A 80 8.09 2.59 -29.23
N SER A 81 6.90 3.04 -28.89
CA SER A 81 6.72 4.39 -28.41
C SER A 81 5.47 4.48 -27.54
N PHE A 82 5.23 5.66 -27.02
CA PHE A 82 4.15 5.90 -26.06
C PHE A 82 2.84 6.07 -26.79
N GLY A 83 1.87 5.22 -26.51
CA GLY A 83 0.58 5.34 -27.13
C GLY A 83 -0.29 6.39 -26.49
N ARG A 84 -1.55 6.07 -26.25
CA ARG A 84 -2.41 6.91 -25.42
C ARG A 84 -2.46 6.27 -24.04
N GLY A 85 -1.73 6.85 -23.11
CA GLY A 85 -1.60 6.29 -21.79
C GLY A 85 -0.33 5.48 -21.67
N ASN A 86 -0.45 4.26 -21.18
CA ASN A 86 0.66 3.34 -21.10
C ASN A 86 0.37 2.06 -21.84
N ASP A 87 -0.17 2.19 -23.04
CA ASP A 87 -0.19 1.11 -24.02
C ASP A 87 0.80 1.42 -25.12
N ALA A 88 1.30 0.37 -25.75
CA ALA A 88 2.48 0.48 -26.60
C ALA A 88 2.07 0.34 -28.07
N VAL A 89 2.34 1.37 -28.84
CA VAL A 89 2.39 1.25 -30.28
C VAL A 89 3.85 1.12 -30.67
N LEU A 90 4.14 0.36 -31.70
CA LEU A 90 5.51 0.05 -32.04
C LEU A 90 5.90 0.74 -33.33
N GLU A 91 7.11 1.29 -33.33
CA GLU A 91 7.52 2.24 -34.36
C GLU A 91 8.24 1.58 -35.52
N GLN A 92 9.28 0.80 -35.24
CA GLN A 92 10.11 0.30 -36.32
C GLN A 92 10.94 -0.89 -35.88
N LYS A 93 11.03 -1.88 -36.74
CA LYS A 93 11.95 -2.99 -36.57
C LYS A 93 13.24 -2.59 -37.25
N ILE A 94 14.35 -3.16 -36.76
CA ILE A 94 15.65 -2.92 -37.35
C ILE A 94 16.31 -4.29 -37.41
N VAL A 95 16.37 -4.86 -38.58
CA VAL A 95 17.46 -5.77 -38.91
C VAL A 95 18.63 -4.88 -39.28
N ASP A 96 19.86 -5.32 -38.99
CA ASP A 96 21.00 -4.45 -38.74
C ASP A 96 21.31 -3.52 -39.91
N THR A 97 21.31 -2.21 -39.60
CA THR A 97 21.48 -1.10 -40.54
C THR A 97 20.47 -1.10 -41.68
N SER A 98 19.27 -1.64 -41.44
CA SER A 98 18.22 -1.60 -42.45
C SER A 98 16.89 -1.56 -41.72
N HIS A 99 16.39 -0.35 -41.49
CA HIS A 99 15.22 -0.18 -40.64
C HIS A 99 13.95 -0.10 -41.48
N GLU A 100 12.97 -0.93 -41.13
CA GLU A 100 11.66 -0.89 -41.75
C GLU A 100 10.70 -0.21 -40.80
N PRO A 101 10.30 1.03 -41.07
CA PRO A 101 9.40 1.74 -40.15
C PRO A 101 7.96 1.26 -40.29
N LEU A 102 7.39 0.81 -39.18
CA LEU A 102 5.95 0.68 -39.02
C LEU A 102 5.40 2.06 -38.68
N ASN A 103 4.07 2.15 -38.53
CA ASN A 103 3.36 3.34 -38.04
C ASN A 103 3.65 4.54 -38.95
N ILE A 104 3.20 4.42 -40.20
CA ILE A 104 3.61 5.37 -41.24
C ILE A 104 3.05 6.75 -40.96
N ASP A 105 1.73 6.88 -40.95
CA ASP A 105 1.13 8.12 -40.51
C ASP A 105 1.20 8.21 -38.99
N ASP A 106 1.31 9.45 -38.49
CA ASP A 106 1.58 9.81 -37.10
C ASP A 106 2.83 9.11 -36.57
N PRO A 107 4.03 9.51 -36.97
CA PRO A 107 5.23 8.94 -36.34
C PRO A 107 5.53 9.63 -35.04
N ALA A 108 6.12 8.88 -34.12
CA ALA A 108 6.50 9.46 -32.84
C ALA A 108 7.93 9.96 -32.84
N TYR A 109 8.80 9.33 -33.62
CA TYR A 109 10.18 9.74 -33.77
C TYR A 109 10.75 9.13 -35.04
N GLN A 110 11.52 9.92 -35.77
CA GLN A 110 12.32 9.43 -36.87
C GLN A 110 13.73 9.02 -36.47
N LEU A 111 14.27 8.03 -37.16
CA LEU A 111 15.61 7.56 -36.86
C LEU A 111 16.74 7.96 -37.79
N ASN A 112 17.81 8.52 -37.23
CA ASN A 112 18.77 9.29 -38.01
C ASN A 112 19.91 8.36 -38.43
N VAL A 113 20.71 7.91 -37.48
CA VAL A 113 21.93 7.16 -37.76
C VAL A 113 21.78 5.79 -37.12
N VAL A 114 21.59 4.76 -37.93
CA VAL A 114 21.34 3.42 -37.45
C VAL A 114 22.65 2.65 -37.57
N THR A 115 23.37 2.52 -36.47
CA THR A 115 24.62 1.81 -36.48
C THR A 115 24.41 0.36 -36.07
N MET A 116 25.51 -0.35 -35.92
CA MET A 116 25.45 -1.71 -35.43
C MET A 116 25.24 -1.75 -33.93
N ASN A 117 25.58 -0.67 -33.23
CA ASN A 117 25.46 -0.59 -31.78
C ASN A 117 24.46 0.43 -31.29
N GLY A 118 24.42 1.63 -31.85
CA GLY A 118 23.56 2.70 -31.37
C GLY A 118 22.50 3.04 -32.40
N TYR A 119 21.31 3.40 -31.90
CA TYR A 119 20.17 3.71 -32.75
C TYR A 119 19.79 5.16 -32.44
N SER A 120 20.44 6.11 -33.10
CA SER A 120 20.23 7.51 -32.79
C SER A 120 18.91 7.99 -33.38
N VAL A 121 17.97 8.32 -32.50
CA VAL A 121 16.62 8.71 -32.91
C VAL A 121 16.46 10.21 -32.70
N THR A 122 15.34 10.75 -33.17
CA THR A 122 15.01 12.14 -32.90
C THR A 122 13.50 12.23 -32.73
N GLY A 123 13.07 12.66 -31.55
CA GLY A 123 11.66 12.71 -31.25
C GLY A 123 11.09 14.10 -31.20
N HIS A 124 9.80 14.22 -31.48
CA HIS A 124 9.12 15.50 -31.53
C HIS A 124 7.83 15.46 -30.73
N ARG A 125 7.93 14.96 -29.50
CA ARG A 125 6.89 15.09 -28.50
C ARG A 125 7.43 15.94 -27.38
N GLY A 126 6.75 17.05 -27.10
CA GLY A 126 7.34 18.05 -26.24
C GLY A 126 8.38 18.85 -27.01
N GLU A 127 9.37 19.34 -26.30
CA GLU A 127 10.48 20.00 -26.95
C GLU A 127 11.35 18.95 -27.61
N THR A 128 11.72 19.18 -28.87
CA THR A 128 12.25 18.12 -29.72
C THR A 128 13.67 17.77 -29.32
N VAL A 129 13.85 16.59 -28.75
CA VAL A 129 15.16 16.12 -28.31
C VAL A 129 15.55 14.89 -29.12
N SER A 130 16.85 14.71 -29.29
CA SER A 130 17.41 13.57 -30.00
C SER A 130 18.32 12.83 -29.05
N ALA A 131 18.08 11.54 -28.90
CA ALA A 131 18.89 10.71 -28.02
C ALA A 131 19.29 9.44 -28.74
N VAL A 132 20.28 8.77 -28.18
CA VAL A 132 20.80 7.54 -28.75
C VAL A 132 20.40 6.39 -27.85
N THR A 133 19.81 5.36 -28.43
CA THR A 133 19.51 4.18 -27.65
C THR A 133 20.61 3.16 -27.90
N ASP A 134 20.48 1.98 -27.31
CA ASP A 134 21.52 0.99 -27.45
C ASP A 134 20.93 -0.31 -27.95
N ASN A 135 21.72 -1.02 -28.75
CA ASN A 135 21.31 -2.29 -29.31
C ASN A 135 21.20 -3.31 -28.20
N PRO A 136 20.04 -3.93 -27.99
CA PRO A 136 19.96 -4.99 -27.00
C PRO A 136 20.70 -6.22 -27.39
N LEU A 137 20.95 -6.42 -28.68
CA LEU A 137 21.68 -7.60 -29.11
C LEU A 137 23.15 -7.49 -28.78
N ARG A 138 23.70 -6.29 -28.72
CA ARG A 138 25.10 -6.12 -28.39
C ARG A 138 25.31 -5.91 -26.89
N ARG A 139 24.26 -6.06 -26.09
CA ARG A 139 24.43 -6.09 -24.64
C ARG A 139 25.24 -7.31 -24.24
N PHE A 140 26.17 -7.12 -23.31
CA PHE A 140 27.12 -8.08 -22.76
C PHE A 140 28.16 -8.56 -23.76
N ASN A 141 28.19 -8.01 -24.98
CA ASN A 141 29.03 -8.52 -26.05
C ASN A 141 29.83 -7.39 -26.66
N GLY A 142 30.45 -6.58 -25.82
CA GLY A 142 31.11 -5.37 -26.27
C GLY A 142 32.57 -5.53 -26.61
N ARG A 143 33.26 -6.45 -25.96
CA ARG A 143 34.68 -6.72 -26.22
C ARG A 143 34.89 -8.23 -26.21
N LYS A 144 35.14 -8.80 -27.38
CA LYS A 144 35.27 -10.25 -27.53
C LYS A 144 36.65 -10.68 -28.00
N PRO A 148 29.29 -12.34 -34.57
CA PRO A 148 29.40 -13.00 -33.26
C PRO A 148 28.95 -12.10 -32.10
N GLU A 149 28.77 -10.82 -32.39
CA GLU A 149 28.36 -9.84 -31.39
C GLU A 149 26.87 -9.56 -31.46
N GLN A 150 26.08 -10.59 -31.72
CA GLN A 150 24.62 -10.47 -31.86
C GLN A 150 23.99 -11.63 -31.12
N SER A 151 23.48 -11.38 -29.93
CA SER A 151 22.75 -12.42 -29.21
C SER A 151 21.72 -11.77 -28.31
N VAL A 152 20.68 -12.53 -28.02
CA VAL A 152 19.62 -12.04 -27.13
C VAL A 152 20.18 -11.92 -25.71
N PRO A 153 19.82 -10.88 -24.95
CA PRO A 153 20.40 -10.75 -23.61
C PRO A 153 19.59 -11.50 -22.58
N THR A 154 20.26 -12.33 -21.79
CA THR A 154 19.63 -12.95 -20.65
C THR A 154 19.57 -11.95 -19.49
N ASP A 155 18.70 -12.23 -18.53
CA ASP A 155 18.60 -11.34 -17.39
C ASP A 155 19.78 -11.53 -16.47
N MET A 156 19.99 -10.56 -15.59
CA MET A 156 21.19 -10.60 -14.79
C MET A 156 21.16 -11.63 -13.69
N LEU A 157 20.02 -12.26 -13.44
CA LEU A 157 20.07 -13.44 -12.58
C LEU A 157 20.48 -14.69 -13.33
N CYS A 158 20.57 -14.61 -14.66
CA CYS A 158 20.84 -15.73 -15.55
C CYS A 158 19.84 -16.86 -15.28
N LEU A 159 18.58 -16.47 -15.16
CA LEU A 159 17.46 -17.42 -14.89
C LEU A 159 16.35 -17.19 -15.93
N LYS A 160 16.63 -16.46 -17.00
CA LYS A 160 15.60 -16.11 -18.01
C LYS A 160 15.00 -17.35 -18.66
N PRO A 161 15.82 -18.35 -19.05
CA PRO A 161 15.19 -19.50 -19.71
C PRO A 161 14.21 -20.22 -18.77
N THR A 162 14.61 -20.43 -17.52
CA THR A 162 13.72 -21.13 -16.55
C THR A 162 12.47 -20.27 -16.34
N LEU A 163 12.61 -18.96 -16.22
CA LEU A 163 11.40 -18.12 -15.99
C LEU A 163 10.47 -18.26 -17.21
N GLU A 164 11.01 -18.25 -18.41
CA GLU A 164 10.16 -18.37 -19.63
C GLU A 164 9.46 -19.73 -19.66
N LYS A 165 10.18 -20.82 -19.38
CA LYS A 165 9.51 -22.17 -19.43
C LYS A 165 8.47 -22.31 -18.33
N LYS A 166 8.75 -21.76 -17.15
CA LYS A 166 7.87 -21.86 -15.95
C LYS A 166 6.51 -21.17 -16.15
N PHE A 167 6.43 -19.99 -16.76
CA PHE A 167 5.13 -19.35 -16.85
C PHE A 167 4.49 -19.65 -18.19
N PHE A 168 5.24 -19.49 -19.27
CA PHE A 168 4.81 -19.90 -20.58
C PHE A 168 5.22 -21.35 -20.80
N GLY A 169 4.97 -21.88 -22.00
CA GLY A 169 5.21 -23.27 -22.26
C GLY A 169 6.65 -23.67 -22.46
N LYS A 170 7.38 -22.92 -23.28
CA LYS A 170 8.74 -23.30 -23.65
C LYS A 170 9.71 -22.16 -23.42
N GLU A 171 10.94 -22.30 -23.92
CA GLU A 171 11.86 -21.18 -23.95
C GLU A 171 11.49 -20.22 -25.08
N PHE A 172 12.24 -19.14 -25.21
CA PHE A 172 12.08 -18.24 -26.33
C PHE A 172 13.45 -17.72 -26.76
N ASP A 173 13.42 -16.80 -27.71
CA ASP A 173 14.62 -16.13 -28.21
C ASP A 173 14.33 -14.65 -28.36
N ASP A 174 13.78 -14.05 -27.31
CA ASP A 174 13.48 -12.63 -27.30
C ASP A 174 13.77 -12.07 -25.92
N ASN A 175 13.45 -10.79 -25.70
CA ASN A 175 13.29 -10.31 -24.34
C ASN A 175 11.94 -9.62 -24.14
N ILE A 176 10.98 -9.88 -25.02
CA ILE A 176 9.67 -9.30 -24.79
C ILE A 176 8.94 -10.13 -23.75
N HIS A 177 9.22 -11.43 -23.69
CA HIS A 177 8.59 -12.24 -22.67
C HIS A 177 9.16 -11.96 -21.29
N ILE A 178 10.47 -11.78 -21.18
CA ILE A 178 11.06 -11.70 -19.86
C ILE A 178 10.83 -10.34 -19.24
N GLN A 179 10.46 -9.33 -20.02
CA GLN A 179 10.02 -8.10 -19.39
C GLN A 179 8.62 -8.23 -18.83
N LEU A 180 7.87 -9.23 -19.30
CA LEU A 180 6.56 -9.52 -18.76
C LEU A 180 6.64 -10.44 -17.56
N ILE A 181 7.66 -11.29 -17.51
CA ILE A 181 7.85 -12.16 -16.35
C ILE A 181 8.19 -11.33 -15.13
N TYR A 182 9.03 -10.32 -15.28
CA TYR A 182 9.39 -9.47 -14.17
C TYR A 182 8.31 -8.46 -13.81
N ASN A 183 7.16 -8.45 -14.49
CA ASN A 183 6.01 -7.71 -13.99
C ASN A 183 4.94 -8.63 -13.43
N ILE A 184 5.14 -9.94 -13.50
CA ILE A 184 4.26 -10.86 -12.81
C ILE A 184 4.91 -11.28 -11.50
N LEU A 185 6.23 -11.35 -11.47
CA LEU A 185 6.97 -11.41 -10.21
C LEU A 185 6.77 -10.15 -9.38
N ASP A 186 6.59 -9.01 -10.04
CA ASP A 186 6.58 -7.72 -9.36
C ASP A 186 5.33 -7.49 -8.53
N ILE A 187 4.28 -8.29 -8.68
CA ILE A 187 3.08 -8.03 -7.88
C ILE A 187 3.15 -8.90 -6.64
N GLU A 188 4.35 -9.35 -6.29
CA GLU A 188 4.63 -9.85 -4.96
C GLU A 188 5.51 -8.90 -4.20
N LYS A 189 6.25 -8.07 -4.90
CA LYS A 189 7.05 -7.05 -4.26
C LYS A 189 6.24 -5.81 -3.91
N ILE A 190 5.00 -5.73 -4.35
CA ILE A 190 4.11 -4.64 -4.00
C ILE A 190 2.84 -5.16 -3.35
N LEU A 191 2.84 -6.42 -2.97
CA LEU A 191 1.72 -7.00 -2.27
C LEU A 191 2.20 -7.72 -1.03
N ALA A 192 3.51 -7.69 -0.76
CA ALA A 192 4.05 -8.10 0.51
C ALA A 192 4.26 -6.92 1.45
N VAL A 193 4.18 -5.70 0.95
CA VAL A 193 4.23 -4.56 1.84
C VAL A 193 2.84 -4.16 2.29
N TYR A 194 1.80 -4.46 1.51
CA TYR A 194 0.44 -4.16 1.91
C TYR A 194 -0.30 -5.35 2.46
N SER A 195 0.30 -6.52 2.47
CA SER A 195 -0.30 -7.63 3.18
C SER A 195 0.40 -7.97 4.47
N THR A 196 1.54 -7.35 4.74
CA THR A 196 2.20 -7.54 6.01
C THR A 196 1.68 -6.55 7.04
N ASN A 197 1.59 -5.27 6.70
CA ASN A 197 1.03 -4.35 7.67
C ASN A 197 -0.49 -4.39 7.72
N ALA A 198 -1.13 -5.25 6.97
CA ALA A 198 -2.51 -5.60 7.24
C ALA A 198 -2.62 -6.83 8.10
N ILE A 199 -1.51 -7.54 8.32
CA ILE A 199 -1.51 -8.61 9.31
C ILE A 199 -0.77 -8.17 10.56
N TYR A 200 -0.03 -7.07 10.50
CA TYR A 200 0.50 -6.47 11.71
C TYR A 200 -0.60 -5.81 12.51
N ALA A 201 -1.60 -5.24 11.83
CA ALA A 201 -2.73 -4.66 12.52
C ALA A 201 -3.54 -5.72 13.22
N LEU A 202 -3.72 -6.87 12.59
CA LEU A 202 -4.51 -7.92 13.21
C LEU A 202 -3.76 -8.63 14.33
N ASN A 203 -2.44 -8.65 14.29
CA ASN A 203 -1.72 -9.21 15.42
C ASN A 203 -1.71 -8.29 16.61
N ASN A 204 -1.98 -7.00 16.43
CA ASN A 204 -2.08 -6.10 17.56
C ASN A 204 -3.51 -5.93 18.03
N MET A 205 -4.35 -6.92 17.81
CA MET A 205 -5.64 -6.95 18.47
C MET A 205 -5.67 -8.03 19.52
N SER A 206 -4.59 -8.77 19.68
CA SER A 206 -4.44 -9.61 20.86
C SER A 206 -4.30 -8.75 22.10
N ALA A 207 -3.51 -7.68 22.00
CA ALA A 207 -3.13 -6.79 23.10
C ALA A 207 -2.58 -7.58 24.28
N ASP A 208 -1.44 -8.22 24.04
CA ASP A 208 -0.90 -9.18 25.00
C ASP A 208 0.07 -8.58 26.01
N GLU A 209 0.50 -7.32 25.82
CA GLU A 209 1.38 -6.53 26.71
C GLU A 209 2.63 -7.28 27.18
N ASN A 210 3.07 -8.30 26.43
CA ASN A 210 4.13 -9.20 26.85
C ASN A 210 5.10 -9.37 25.70
N ILE A 211 5.99 -10.34 25.82
CA ILE A 211 6.74 -10.82 24.67
C ILE A 211 5.76 -11.57 23.79
N GLU A 212 5.43 -10.99 22.64
CA GLU A 212 4.45 -11.57 21.73
C GLU A 212 5.21 -12.30 20.62
N ASN A 213 4.96 -13.60 20.52
CA ASN A 213 5.66 -14.43 19.54
C ASN A 213 4.75 -15.47 18.92
N SER A 214 3.45 -15.16 18.79
CA SER A 214 2.53 -16.15 18.28
C SER A 214 2.60 -16.24 16.75
N ASP A 215 1.98 -17.28 16.23
CA ASP A 215 2.02 -17.63 14.81
C ASP A 215 0.61 -17.98 14.34
N PHE A 216 -0.36 -17.12 14.63
CA PHE A 216 -1.71 -17.53 14.33
C PHE A 216 -2.07 -17.33 12.87
N PHE A 217 -1.68 -16.20 12.27
CA PHE A 217 -2.20 -15.93 10.95
C PHE A 217 -1.38 -16.63 9.87
N MET A 218 -0.08 -16.77 10.07
CA MET A 218 0.70 -17.52 9.09
C MET A 218 0.47 -19.01 9.19
N LYS A 219 -0.12 -19.50 10.27
CA LYS A 219 -0.53 -20.89 10.32
C LYS A 219 -1.74 -21.17 9.44
N ARG A 220 -2.52 -20.14 9.12
CA ARG A 220 -3.79 -20.34 8.44
C ARG A 220 -3.60 -20.78 7.01
N THR A 221 -4.54 -21.56 6.50
CA THR A 221 -4.48 -22.06 5.14
C THR A 221 -5.88 -22.29 4.62
N THR A 222 -6.08 -22.01 3.35
CA THR A 222 -7.35 -22.31 2.69
C THR A 222 -7.41 -23.72 2.18
N ASP A 223 -6.47 -24.58 2.57
CA ASP A 223 -6.58 -25.99 2.27
C ASP A 223 -7.62 -26.67 3.14
N GLU A 224 -7.94 -26.07 4.28
CA GLU A 224 -9.02 -26.55 5.13
C GLU A 224 -10.18 -25.58 5.05
N THR A 225 -11.38 -26.09 5.35
CA THR A 225 -12.56 -25.26 5.44
C THR A 225 -12.74 -24.83 6.89
N PHE A 226 -13.91 -24.30 7.22
CA PHE A 226 -14.17 -23.97 8.62
C PHE A 226 -14.65 -25.18 9.41
N ASP A 227 -15.45 -26.03 8.79
CA ASP A 227 -16.18 -27.06 9.52
C ASP A 227 -15.25 -28.16 10.02
N ASP A 228 -14.10 -28.34 9.38
CA ASP A 228 -13.11 -29.25 9.91
C ASP A 228 -12.13 -28.57 10.85
N PHE A 229 -11.96 -27.25 10.73
CA PHE A 229 -11.30 -26.50 11.79
C PHE A 229 -12.17 -26.44 13.03
N GLU A 230 -13.49 -26.49 12.84
CA GLU A 230 -14.43 -26.59 13.95
C GLU A 230 -14.19 -27.85 14.78
N LYS A 231 -13.73 -28.92 14.15
CA LYS A 231 -13.42 -30.16 14.85
C LYS A 231 -12.14 -30.07 15.68
N LYS A 232 -11.45 -28.95 15.67
CA LYS A 232 -10.29 -28.76 16.53
C LYS A 232 -10.64 -28.12 17.86
N LYS A 233 -11.94 -27.96 18.14
CA LYS A 233 -12.38 -27.45 19.43
C LYS A 233 -12.05 -28.43 20.55
N GLU A 234 -12.61 -29.64 20.47
CA GLU A 234 -12.35 -30.69 21.44
C GLU A 234 -11.18 -31.58 21.04
N SER A 235 -10.22 -31.01 20.32
CA SER A 235 -9.08 -31.76 19.81
C SER A 235 -8.17 -32.22 20.94
N THR A 236 -7.38 -33.24 20.64
CA THR A 236 -6.51 -33.88 21.62
C THR A 236 -5.06 -33.44 21.54
N ASN A 237 -4.66 -32.81 20.43
CA ASN A 237 -3.26 -32.46 20.27
C ASN A 237 -2.95 -31.19 21.04
N SER A 238 -1.75 -31.16 21.61
CA SER A 238 -1.34 -30.06 22.48
C SER A 238 -1.05 -28.77 21.72
N ARG A 239 -0.94 -28.81 20.40
CA ARG A 239 -0.75 -27.60 19.64
C ARG A 239 -1.94 -27.25 18.76
N GLU A 240 -2.73 -28.23 18.32
CA GLU A 240 -3.95 -27.89 17.59
C GLU A 240 -4.99 -27.27 18.51
N LYS A 241 -5.03 -27.69 19.77
CA LYS A 241 -6.02 -27.17 20.69
C LYS A 241 -5.75 -25.72 21.04
N ALA A 242 -4.47 -25.35 21.14
CA ALA A 242 -4.13 -23.98 21.49
C ALA A 242 -4.49 -23.02 20.36
N ASP A 243 -4.47 -23.50 19.13
CA ASP A 243 -4.78 -22.63 18.00
C ASP A 243 -6.26 -22.32 17.94
N PHE A 244 -7.12 -23.30 18.24
CA PHE A 244 -8.53 -22.98 18.35
C PHE A 244 -8.80 -22.14 19.58
N ASP A 245 -8.02 -22.33 20.63
CA ASP A 245 -8.10 -21.43 21.77
C ASP A 245 -7.52 -20.07 21.43
N ALA A 246 -6.57 -20.02 20.50
CA ALA A 246 -6.15 -18.74 19.97
C ALA A 246 -7.22 -18.15 19.05
N PHE A 247 -8.09 -18.99 18.52
CA PHE A 247 -9.21 -18.49 17.73
C PHE A 247 -10.38 -18.12 18.62
N GLU A 248 -10.59 -18.86 19.71
CA GLU A 248 -11.62 -18.48 20.67
C GLU A 248 -11.32 -17.13 21.29
N LYS A 249 -10.04 -16.87 21.56
CA LYS A 249 -9.62 -15.57 22.06
C LYS A 249 -9.90 -14.47 21.05
N PHE A 250 -9.85 -14.79 19.77
CA PHE A 250 -9.94 -13.72 18.80
C PHE A 250 -11.37 -13.41 18.39
N ILE A 251 -12.28 -14.38 18.42
CA ILE A 251 -13.66 -14.01 18.11
C ILE A 251 -14.36 -13.40 19.31
N GLY A 252 -13.94 -13.77 20.52
CA GLY A 252 -14.42 -13.09 21.70
C GLY A 252 -13.79 -11.75 21.96
N ASN A 253 -12.82 -11.37 21.14
CA ASN A 253 -12.22 -10.05 21.21
C ASN A 253 -13.25 -9.00 20.83
N TYR A 254 -13.18 -7.87 21.51
CA TYR A 254 -14.05 -6.76 21.20
C TYR A 254 -13.44 -5.83 20.17
N ARG A 255 -12.19 -6.01 19.83
CA ARG A 255 -11.56 -5.07 18.93
C ARG A 255 -11.81 -5.43 17.47
N LEU A 256 -12.59 -6.47 17.21
CA LEU A 256 -13.06 -6.73 15.86
C LEU A 256 -14.01 -5.66 15.37
N ALA A 257 -14.63 -4.92 16.28
CA ALA A 257 -15.47 -3.79 15.92
C ALA A 257 -14.69 -2.64 15.32
N TYR A 258 -13.36 -2.65 15.40
CA TYR A 258 -12.56 -1.66 14.69
C TYR A 258 -12.62 -1.86 13.18
N PHE A 259 -12.89 -3.07 12.73
CA PHE A 259 -12.87 -3.36 11.30
C PHE A 259 -14.24 -3.80 10.87
N ALA A 260 -15.24 -3.00 11.23
CA ALA A 260 -16.65 -3.37 11.08
C ALA A 260 -17.10 -3.51 9.64
N ASP A 261 -16.33 -3.00 8.69
CA ASP A 261 -16.74 -3.16 7.30
C ASP A 261 -16.45 -4.55 6.79
N ALA A 262 -15.63 -5.32 7.49
CA ALA A 262 -15.31 -6.68 7.08
C ALA A 262 -15.62 -7.72 8.13
N PHE A 263 -16.04 -7.33 9.32
CA PHE A 263 -16.36 -8.27 10.37
C PHE A 263 -17.79 -8.17 10.85
N TYR A 264 -18.53 -7.14 10.46
CA TYR A 264 -19.91 -6.93 10.90
C TYR A 264 -20.86 -6.88 9.72
N VAL A 265 -22.02 -7.52 9.88
CA VAL A 265 -23.04 -7.59 8.85
C VAL A 265 -24.25 -6.79 9.32
N ASN A 266 -24.84 -6.03 8.39
CA ASN A 266 -25.98 -5.18 8.72
C ASN A 266 -27.21 -6.05 8.90
N LYS A 267 -27.78 -6.03 10.10
CA LYS A 267 -29.04 -6.70 10.36
C LYS A 267 -29.86 -6.06 11.48
N LYS A 273 -34.35 0.58 13.43
CA LYS A 273 -33.17 0.96 12.74
C LYS A 273 -32.17 -0.19 12.59
N ALA A 274 -31.06 0.11 11.93
CA ALA A 274 -30.05 -0.89 11.65
C ALA A 274 -29.14 -1.23 12.82
N LYS A 275 -29.18 -2.48 13.26
CA LYS A 275 -28.37 -2.96 14.37
C LYS A 275 -27.43 -4.04 13.82
N ASN A 276 -26.24 -3.64 13.39
CA ASN A 276 -25.29 -4.59 12.85
C ASN A 276 -24.56 -5.34 13.96
N VAL A 277 -24.39 -6.64 13.76
CA VAL A 277 -23.75 -7.49 14.75
C VAL A 277 -22.63 -8.26 14.07
N LEU A 278 -22.03 -9.20 14.79
CA LEU A 278 -20.95 -10.03 14.28
C LEU A 278 -21.39 -10.85 13.08
N ARG A 279 -20.40 -11.29 12.32
CA ARG A 279 -20.61 -12.42 11.44
C ARG A 279 -20.70 -13.70 12.26
N GLU A 280 -20.98 -14.79 11.58
CA GLU A 280 -20.89 -16.07 12.26
C GLU A 280 -19.44 -16.46 12.47
N ASP A 281 -19.23 -17.50 13.26
CA ASP A 281 -17.93 -18.14 13.29
C ASP A 281 -17.60 -18.81 11.96
N LYS A 282 -18.63 -19.13 11.17
CA LYS A 282 -18.46 -19.61 9.80
C LYS A 282 -17.68 -18.64 8.94
N GLU A 283 -17.88 -17.34 9.14
CA GLU A 283 -17.31 -16.35 8.25
C GLU A 283 -16.22 -15.50 8.85
N LEU A 284 -16.13 -15.39 10.17
CA LEU A 284 -14.98 -14.71 10.74
C LEU A 284 -13.73 -15.54 10.52
N TYR A 285 -13.85 -16.85 10.58
CA TYR A 285 -12.75 -17.71 10.18
C TYR A 285 -12.46 -17.58 8.70
N SER A 286 -13.50 -17.31 7.91
CA SER A 286 -13.32 -17.21 6.48
C SER A 286 -12.66 -15.90 6.06
N VAL A 287 -12.53 -14.93 6.96
CA VAL A 287 -11.75 -13.75 6.64
C VAL A 287 -10.34 -13.87 7.19
N LEU A 288 -10.20 -14.40 8.40
CA LEU A 288 -8.88 -14.50 9.03
C LEU A 288 -8.00 -15.51 8.32
N THR A 289 -8.60 -16.59 7.82
CA THR A 289 -7.83 -17.52 7.00
C THR A 289 -7.45 -16.89 5.68
N LEU A 290 -8.40 -16.24 5.03
CA LEU A 290 -8.20 -15.72 3.70
C LEU A 290 -7.27 -14.52 3.69
N ILE A 291 -7.26 -13.74 4.76
CA ILE A 291 -6.24 -12.72 4.90
C ILE A 291 -4.96 -13.30 5.49
N GLY A 292 -5.02 -14.52 6.01
CA GLY A 292 -3.85 -15.11 6.61
C GLY A 292 -3.06 -15.90 5.60
N LYS A 293 -3.76 -16.49 4.63
CA LYS A 293 -3.08 -17.20 3.57
C LYS A 293 -2.31 -16.24 2.68
N LEU A 294 -2.88 -15.05 2.46
CA LEU A 294 -2.28 -14.06 1.59
C LEU A 294 -0.98 -13.53 2.17
N ALA A 295 -0.93 -13.31 3.48
CA ALA A 295 0.32 -12.90 4.10
C ALA A 295 1.33 -14.02 4.07
N HIS A 296 0.89 -15.26 4.27
CA HIS A 296 1.83 -16.38 4.22
C HIS A 296 2.27 -16.65 2.80
N TRP A 297 1.47 -16.25 1.82
CA TRP A 297 1.90 -16.43 0.45
C TRP A 297 2.90 -15.36 0.04
N CYS A 298 2.84 -14.19 0.63
CA CYS A 298 3.78 -13.15 0.29
C CYS A 298 5.06 -13.21 1.11
N VAL A 299 5.21 -14.19 2.00
CA VAL A 299 6.46 -14.35 2.72
C VAL A 299 7.22 -15.61 2.34
N ALA A 300 6.57 -16.63 1.78
CA ALA A 300 7.24 -17.92 1.66
C ALA A 300 7.01 -18.59 0.31
N SER A 301 7.43 -19.84 0.20
CA SER A 301 7.44 -20.54 -1.09
C SER A 301 6.16 -21.33 -1.32
N GLU A 302 5.88 -22.32 -0.45
CA GLU A 302 4.70 -23.17 -0.49
C GLU A 302 4.60 -23.94 -1.81
N GLU A 303 5.52 -24.89 -1.98
CA GLU A 303 5.62 -25.66 -3.22
C GLU A 303 4.33 -26.40 -3.55
N GLY A 304 4.04 -26.49 -4.85
CA GLY A 304 2.82 -27.11 -5.32
C GLY A 304 1.86 -26.09 -5.89
N ARG A 305 0.56 -26.35 -5.75
CA ARG A 305 -0.43 -25.38 -6.15
C ARG A 305 -0.45 -24.17 -5.23
N ALA A 306 0.05 -24.33 -4.01
CA ALA A 306 -0.02 -23.24 -3.05
C ALA A 306 0.93 -22.10 -3.38
N GLU A 307 1.96 -22.34 -4.18
CA GLU A 307 2.74 -21.21 -4.67
C GLU A 307 1.93 -20.42 -5.68
N PHE A 308 1.10 -21.10 -6.45
CA PHE A 308 0.24 -20.44 -7.42
C PHE A 308 -1.10 -20.13 -6.78
N TRP A 309 -1.10 -19.50 -5.61
CA TRP A 309 -2.34 -19.43 -4.84
C TRP A 309 -3.26 -18.36 -5.38
N LEU A 310 -2.80 -17.13 -5.37
CA LEU A 310 -3.60 -16.00 -5.84
C LEU A 310 -3.88 -16.05 -7.33
N TYR A 311 -3.09 -16.79 -8.08
CA TYR A 311 -3.28 -16.86 -9.51
C TYR A 311 -4.40 -17.82 -9.89
N LYS A 312 -4.87 -18.63 -8.94
CA LYS A 312 -6.12 -19.37 -9.10
C LYS A 312 -6.91 -19.25 -7.79
N LEU A 313 -7.64 -18.16 -7.66
CA LEU A 313 -8.51 -17.95 -6.52
C LEU A 313 -9.90 -18.51 -6.76
N ASP A 314 -10.18 -18.99 -7.95
CA ASP A 314 -11.41 -19.71 -8.21
C ASP A 314 -11.39 -21.12 -7.66
N GLU A 315 -10.25 -21.59 -7.19
CA GLU A 315 -10.11 -22.90 -6.59
C GLU A 315 -10.42 -22.91 -5.11
N LEU A 316 -10.89 -21.79 -4.55
CA LEU A 316 -11.24 -21.74 -3.15
C LEU A 316 -12.50 -22.56 -2.90
N LYS A 317 -12.76 -22.87 -1.63
CA LYS A 317 -13.91 -23.68 -1.26
C LYS A 317 -15.18 -22.86 -1.37
N ASP A 318 -16.30 -23.46 -0.96
CA ASP A 318 -17.58 -22.77 -1.02
C ASP A 318 -17.65 -21.63 -0.02
N ASP A 319 -16.88 -21.71 1.05
CA ASP A 319 -16.99 -20.73 2.11
C ASP A 319 -16.30 -19.43 1.72
N PHE A 320 -15.12 -19.52 1.13
CA PHE A 320 -14.29 -18.34 0.97
C PHE A 320 -14.77 -17.47 -0.18
N LYS A 321 -15.41 -18.07 -1.19
CA LYS A 321 -16.09 -17.23 -2.16
C LYS A 321 -17.33 -16.59 -1.55
N ASN A 322 -18.02 -17.33 -0.68
CA ASN A 322 -19.22 -16.79 -0.04
C ASN A 322 -18.90 -15.72 0.99
N VAL A 323 -17.65 -15.58 1.40
CA VAL A 323 -17.32 -14.43 2.23
C VAL A 323 -16.76 -13.30 1.38
N LEU A 324 -16.14 -13.60 0.25
CA LEU A 324 -15.76 -12.52 -0.65
C LEU A 324 -16.97 -11.92 -1.33
N ASP A 325 -17.99 -12.74 -1.58
CA ASP A 325 -19.19 -12.25 -2.21
C ASP A 325 -20.11 -11.50 -1.27
N VAL A 326 -19.77 -11.40 0.01
CA VAL A 326 -20.57 -10.60 0.93
C VAL A 326 -19.80 -9.42 1.49
N VAL A 327 -18.47 -9.50 1.61
CA VAL A 327 -17.68 -8.34 2.02
C VAL A 327 -17.59 -7.35 0.86
N TYR A 328 -17.75 -7.83 -0.37
CA TYR A 328 -17.75 -6.91 -1.50
C TYR A 328 -19.15 -6.40 -1.81
N ASN A 329 -20.19 -7.15 -1.47
CA ASN A 329 -21.52 -6.68 -1.84
C ASN A 329 -22.02 -5.55 -0.97
N ARG A 330 -21.84 -5.64 0.33
CA ARG A 330 -22.35 -4.62 1.23
C ARG A 330 -21.80 -3.19 1.06
N PRO A 331 -20.66 -2.92 0.40
CA PRO A 331 -20.40 -1.54 0.00
C PRO A 331 -20.92 -1.22 -1.38
N VAL A 332 -21.13 -2.25 -2.19
CA VAL A 332 -21.59 -2.01 -3.55
C VAL A 332 -23.11 -2.10 -3.62
N GLU A 333 -23.77 -2.63 -2.60
CA GLU A 333 -25.21 -2.54 -2.54
C GLU A 333 -25.67 -1.38 -1.69
N GLU A 334 -24.80 -0.89 -0.82
CA GLU A 334 -25.09 0.35 -0.11
C GLU A 334 -25.05 1.53 -1.07
N ILE A 335 -24.28 1.42 -2.14
CA ILE A 335 -24.13 2.51 -3.08
C ILE A 335 -25.07 2.38 -4.27
N ASN A 336 -25.74 1.25 -4.43
CA ASN A 336 -26.70 1.08 -5.51
C ASN A 336 -28.13 0.85 -5.03
N ASN A 337 -28.35 -0.10 -4.13
CA ASN A 337 -29.72 -0.42 -3.75
C ASN A 337 -30.37 0.66 -2.91
N ARG A 338 -29.58 1.56 -2.34
CA ARG A 338 -30.09 2.67 -1.58
C ARG A 338 -29.49 3.97 -2.08
N PHE A 339 -29.52 4.16 -3.39
CA PHE A 339 -28.97 5.39 -3.97
C PHE A 339 -29.99 6.50 -3.96
N ILE A 340 -31.15 6.27 -4.57
CA ILE A 340 -32.22 7.25 -4.63
C ILE A 340 -32.80 7.54 -3.26
N GLU A 341 -32.71 6.58 -2.34
CA GLU A 341 -33.11 6.85 -0.97
C GLU A 341 -32.14 7.81 -0.30
N ASN A 342 -30.84 7.60 -0.48
CA ASN A 342 -29.85 8.42 0.20
C ASN A 342 -29.62 9.75 -0.48
N ASN A 343 -30.09 9.92 -1.71
CA ASN A 343 -30.05 11.23 -2.35
C ASN A 343 -31.44 11.76 -2.64
N LYS A 344 -32.41 11.40 -1.81
CA LYS A 344 -33.78 11.80 -2.06
C LYS A 344 -33.97 13.29 -1.82
N VAL A 345 -33.19 13.87 -0.90
CA VAL A 345 -33.28 15.30 -0.65
C VAL A 345 -32.66 16.11 -1.77
N ASN A 346 -31.85 15.48 -2.61
CA ASN A 346 -31.07 16.15 -3.63
C ASN A 346 -31.65 15.97 -5.02
N ILE A 347 -32.18 14.77 -5.32
CA ILE A 347 -32.79 14.52 -6.60
C ILE A 347 -34.06 15.35 -6.78
N GLN A 348 -34.82 15.53 -5.70
CA GLN A 348 -36.05 16.30 -5.78
C GLN A 348 -35.79 17.78 -6.01
N ILE A 349 -34.62 18.27 -5.62
CA ILE A 349 -34.27 19.63 -6.01
C ILE A 349 -33.96 19.68 -7.50
N LEU A 350 -33.22 18.68 -7.98
CA LEU A 350 -32.77 18.70 -9.36
C LEU A 350 -33.91 18.41 -10.32
N GLY A 351 -34.90 17.65 -9.88
CA GLY A 351 -36.10 17.50 -10.69
C GLY A 351 -36.88 18.79 -10.77
N SER A 352 -36.84 19.59 -9.72
CA SER A 352 -37.59 20.84 -9.70
C SER A 352 -36.93 21.91 -10.56
N VAL A 353 -35.61 21.85 -10.72
CA VAL A 353 -34.92 22.89 -11.48
C VAL A 353 -34.89 22.57 -12.98
N TYR A 354 -35.06 21.31 -13.37
CA TYR A 354 -35.04 20.98 -14.78
C TYR A 354 -36.44 20.95 -15.38
N LYS A 355 -37.31 20.06 -14.87
CA LYS A 355 -38.74 19.95 -15.19
C LYS A 355 -39.03 19.66 -16.67
N ASN A 356 -38.03 19.38 -17.48
CA ASN A 356 -38.23 19.06 -18.89
C ASN A 356 -37.67 17.71 -19.26
N THR A 357 -36.53 17.34 -18.68
CA THR A 357 -36.04 15.98 -18.79
C THR A 357 -36.85 15.05 -17.90
N ASP A 358 -36.63 13.77 -18.07
CA ASP A 358 -37.29 12.80 -17.21
C ASP A 358 -36.35 12.40 -16.10
N ILE A 359 -36.94 12.15 -14.92
CA ILE A 359 -36.15 11.96 -13.72
C ILE A 359 -35.44 10.63 -13.72
N ALA A 360 -35.85 9.68 -14.58
CA ALA A 360 -35.14 8.42 -14.67
C ALA A 360 -33.77 8.61 -15.31
N GLU A 361 -33.67 9.43 -16.35
CA GLU A 361 -32.35 9.72 -16.89
C GLU A 361 -31.68 10.85 -16.15
N LEU A 362 -32.38 11.54 -15.26
CA LEU A 362 -31.71 12.53 -14.46
C LEU A 362 -30.84 11.85 -13.41
N VAL A 363 -31.39 10.81 -12.75
CA VAL A 363 -30.59 10.08 -11.78
C VAL A 363 -29.60 9.15 -12.44
N ARG A 364 -29.65 8.98 -13.75
CA ARG A 364 -28.57 8.29 -14.42
C ARG A 364 -27.39 9.24 -14.58
N SER A 365 -27.62 10.42 -15.14
CA SER A 365 -26.53 11.36 -15.34
C SER A 365 -26.10 12.01 -14.04
N TYR A 366 -26.89 11.88 -12.98
CA TYR A 366 -26.42 12.29 -11.67
C TYR A 366 -25.58 11.22 -11.01
N TYR A 367 -25.80 9.97 -11.39
CA TYR A 367 -25.02 8.88 -10.84
C TYR A 367 -23.66 8.78 -11.49
N GLU A 368 -23.58 9.04 -12.80
CA GLU A 368 -22.28 9.15 -13.45
C GLU A 368 -21.52 10.36 -12.95
N PHE A 369 -22.21 11.38 -12.47
CA PHE A 369 -21.53 12.51 -11.88
C PHE A 369 -21.04 12.19 -10.48
N LEU A 370 -21.86 11.51 -9.70
CA LEU A 370 -21.60 11.52 -8.26
C LEU A 370 -20.56 10.49 -7.89
N ILE A 371 -20.84 9.20 -8.11
CA ILE A 371 -19.97 8.17 -7.59
C ILE A 371 -19.19 7.44 -8.67
N THR A 372 -19.75 7.21 -9.85
CA THR A 372 -19.04 6.44 -10.85
C THR A 372 -17.94 7.28 -11.51
N LYS A 373 -18.23 8.56 -11.73
CA LYS A 373 -17.26 9.59 -12.09
C LYS A 373 -16.59 9.27 -13.42
N LYS A 374 -17.37 8.73 -14.36
CA LYS A 374 -16.87 8.46 -15.70
C LYS A 374 -16.51 9.75 -16.42
N TYR A 375 -17.49 10.64 -16.57
CA TYR A 375 -17.38 11.77 -17.48
C TYR A 375 -17.05 13.05 -16.73
N LYS A 376 -16.50 12.93 -15.52
CA LYS A 376 -16.28 14.12 -14.72
C LYS A 376 -14.99 14.83 -15.09
N ASN A 377 -14.02 14.11 -15.61
CA ASN A 377 -12.78 14.74 -16.04
C ASN A 377 -13.02 15.45 -17.35
N MET A 378 -12.96 16.78 -17.33
CA MET A 378 -13.17 17.55 -18.55
C MET A 378 -12.08 18.57 -18.81
N GLY A 379 -10.94 18.46 -18.13
CA GLY A 379 -9.85 19.37 -18.41
C GLY A 379 -10.02 20.77 -17.87
N PHE A 380 -11.08 21.04 -17.12
CA PHE A 380 -11.20 22.33 -16.47
C PHE A 380 -11.91 22.12 -15.15
N SER A 381 -11.44 22.80 -14.13
CA SER A 381 -11.84 22.53 -12.76
C SER A 381 -13.12 23.25 -12.44
N ILE A 382 -14.22 22.49 -12.31
CA ILE A 382 -15.50 23.12 -12.01
C ILE A 382 -15.51 23.61 -10.59
N LYS A 383 -14.73 22.97 -9.72
CA LYS A 383 -14.60 23.35 -8.33
C LYS A 383 -13.93 24.71 -8.18
N LYS A 384 -13.17 25.15 -9.18
CA LYS A 384 -12.71 26.52 -9.25
C LYS A 384 -13.60 27.36 -10.12
N LEU A 385 -14.35 26.74 -11.02
CA LEU A 385 -15.16 27.51 -11.96
C LEU A 385 -16.35 28.14 -11.28
N ARG A 386 -17.04 27.40 -10.41
CA ARG A 386 -18.20 27.97 -9.74
C ARG A 386 -17.81 28.98 -8.68
N GLU A 387 -16.57 28.98 -8.22
CA GLU A 387 -16.23 29.89 -7.15
C GLU A 387 -15.87 31.25 -7.70
N SER A 388 -15.33 31.29 -8.91
CA SER A 388 -15.27 32.55 -9.62
C SER A 388 -16.64 32.98 -10.12
N MET A 389 -17.56 32.03 -10.26
CA MET A 389 -18.95 32.42 -10.50
C MET A 389 -19.59 32.98 -9.23
N LEU A 390 -19.40 32.32 -8.10
CA LEU A 390 -20.01 32.75 -6.85
C LEU A 390 -19.11 33.65 -6.03
N GLU A 391 -18.12 34.30 -6.64
CA GLU A 391 -17.34 35.28 -5.91
C GLU A 391 -18.16 36.55 -5.82
N GLY A 392 -18.35 37.05 -4.59
CA GLY A 392 -19.04 38.30 -4.38
C GLY A 392 -20.52 38.28 -4.66
N LYS A 393 -21.09 37.10 -4.82
CA LYS A 393 -22.51 36.99 -5.13
C LYS A 393 -23.27 36.84 -3.82
N GLY A 394 -24.54 36.49 -3.91
CA GLY A 394 -25.33 36.50 -2.71
C GLY A 394 -25.17 35.32 -1.79
N TYR A 395 -24.35 34.33 -2.15
CA TYR A 395 -24.34 33.06 -1.43
C TYR A 395 -23.10 32.89 -0.58
N ALA A 396 -22.43 33.98 -0.25
CA ALA A 396 -21.31 33.95 0.67
C ALA A 396 -21.75 34.27 2.09
N ASP A 397 -23.03 34.12 2.40
CA ASP A 397 -23.52 34.55 3.70
C ASP A 397 -23.15 33.56 4.80
N LYS A 398 -23.48 33.94 6.02
CA LYS A 398 -23.32 33.07 7.17
C LYS A 398 -24.47 32.08 7.29
N GLU A 399 -25.60 32.36 6.64
CA GLU A 399 -26.77 31.50 6.78
C GLU A 399 -26.63 30.24 5.93
N TYR A 400 -25.95 30.33 4.80
CA TYR A 400 -25.88 29.19 3.89
C TYR A 400 -24.86 28.15 4.30
N ASP A 401 -24.21 28.29 5.44
CA ASP A 401 -23.13 27.39 5.79
C ASP A 401 -23.60 26.00 6.19
N SER A 402 -24.86 25.83 6.56
CA SER A 402 -25.40 24.50 6.78
C SER A 402 -25.99 23.91 5.52
N VAL A 403 -25.79 24.55 4.39
CA VAL A 403 -26.45 24.20 3.14
C VAL A 403 -25.37 23.83 2.12
N ARG A 404 -24.19 24.43 2.27
CA ARG A 404 -23.12 24.33 1.27
C ARG A 404 -22.62 22.93 1.03
N ASN A 405 -22.93 21.98 1.92
CA ASN A 405 -22.71 20.58 1.60
C ASN A 405 -23.50 20.18 0.38
N LYS A 406 -24.77 20.59 0.30
CA LYS A 406 -25.62 20.20 -0.80
C LYS A 406 -25.77 21.29 -1.84
N LEU A 407 -25.65 22.56 -1.46
CA LEU A 407 -25.77 23.63 -2.44
C LEU A 407 -24.60 23.59 -3.43
N TYR A 408 -23.41 23.35 -2.93
CA TYR A 408 -22.25 23.38 -3.81
C TYR A 408 -22.13 22.15 -4.68
N GLN A 409 -22.77 21.05 -4.36
CA GLN A 409 -22.69 19.93 -5.30
C GLN A 409 -23.85 19.92 -6.27
N MET A 410 -24.97 20.56 -5.95
CA MET A 410 -26.00 20.76 -6.95
C MET A 410 -25.57 21.79 -7.97
N THR A 411 -24.94 22.87 -7.48
CA THR A 411 -24.39 23.89 -8.37
C THR A 411 -23.30 23.32 -9.26
N ASP A 412 -22.50 22.41 -8.72
CA ASP A 412 -21.49 21.74 -9.52
C ASP A 412 -22.13 20.79 -10.53
N PHE A 413 -23.22 20.15 -10.17
CA PHE A 413 -23.85 19.20 -11.08
C PHE A 413 -24.54 19.89 -12.23
N ILE A 414 -25.14 21.05 -11.98
CA ILE A 414 -25.82 21.79 -13.02
C ILE A 414 -24.84 22.28 -14.07
N LEU A 415 -23.61 22.58 -13.66
CA LEU A 415 -22.60 22.92 -14.65
C LEU A 415 -22.13 21.68 -15.39
N TYR A 416 -22.17 20.53 -14.72
CA TYR A 416 -21.78 19.28 -15.36
C TYR A 416 -22.76 18.86 -16.43
N THR A 417 -24.05 19.15 -16.23
CA THR A 417 -24.99 18.93 -17.33
C THR A 417 -24.91 20.05 -18.35
N GLY A 418 -24.31 21.18 -17.98
CA GLY A 418 -24.04 22.21 -18.97
C GLY A 418 -23.02 21.75 -19.97
N TYR A 419 -21.87 21.29 -19.49
CA TYR A 419 -20.77 20.89 -20.35
C TYR A 419 -20.88 19.46 -20.82
N ILE A 420 -22.09 18.91 -20.87
CA ILE A 420 -22.38 17.68 -21.60
C ILE A 420 -23.48 17.91 -22.62
N ASN A 421 -24.62 18.41 -22.18
CA ASN A 421 -25.80 18.38 -23.01
C ASN A 421 -25.95 19.62 -23.89
N GLU A 422 -25.80 20.80 -23.32
CA GLU A 422 -26.19 22.02 -24.03
C GLU A 422 -25.02 22.66 -24.77
N ASP A 423 -23.98 23.08 -24.04
CA ASP A 423 -22.87 23.73 -24.70
C ASP A 423 -21.58 22.95 -24.49
N SER A 424 -21.62 21.66 -24.79
CA SER A 424 -20.42 20.84 -24.85
C SER A 424 -19.36 21.39 -25.79
N ASP A 425 -19.77 22.12 -26.85
CA ASP A 425 -18.81 22.76 -27.74
C ASP A 425 -18.10 23.95 -27.11
N ARG A 426 -18.65 24.50 -26.03
CA ARG A 426 -17.93 25.53 -25.28
C ARG A 426 -16.80 24.93 -24.47
N ALA A 427 -16.94 23.67 -24.05
CA ALA A 427 -15.93 23.03 -23.20
C ALA A 427 -14.63 22.82 -23.94
N ASP A 428 -14.70 22.33 -25.19
CA ASP A 428 -13.48 22.11 -25.97
C ASP A 428 -12.84 23.44 -26.36
N ASP A 429 -13.64 24.50 -26.41
CA ASP A 429 -13.08 25.84 -26.54
C ASP A 429 -12.31 26.21 -25.28
N LEU A 430 -12.77 25.73 -24.13
CA LEU A 430 -12.17 26.13 -22.86
C LEU A 430 -10.89 25.35 -22.59
N VAL A 431 -10.85 24.06 -22.94
CA VAL A 431 -9.67 23.24 -22.70
C VAL A 431 -8.52 23.72 -23.57
N ASN A 432 -8.82 24.05 -24.83
CA ASN A 432 -7.81 24.54 -25.75
C ASN A 432 -7.32 25.93 -25.33
N THR A 433 -8.15 26.68 -24.62
CA THR A 433 -7.71 27.97 -24.08
C THR A 433 -6.69 27.76 -22.97
N LEU A 434 -6.86 26.71 -22.17
CA LEU A 434 -6.04 26.55 -20.98
C LEU A 434 -4.64 26.02 -21.28
N ARG A 435 -4.42 25.43 -22.45
CA ARG A 435 -3.09 24.92 -22.76
C ARG A 435 -2.17 25.99 -23.33
N SER A 436 -2.57 27.26 -23.29
CA SER A 436 -1.78 28.37 -23.78
C SER A 436 -1.63 29.42 -22.69
N SER A 437 -1.24 28.98 -21.50
CA SER A 437 -1.05 29.87 -20.36
C SER A 437 0.37 30.42 -20.38
N LEU A 438 0.53 31.66 -20.84
CA LEU A 438 1.84 32.29 -20.79
C LEU A 438 2.19 32.68 -19.36
N LYS A 439 1.19 33.04 -18.57
CA LYS A 439 1.37 33.24 -17.13
C LYS A 439 0.38 32.38 -16.38
N GLU A 440 0.28 32.58 -15.07
CA GLU A 440 -0.81 32.01 -14.31
C GLU A 440 -1.96 32.99 -14.14
N ASP A 441 -1.67 34.29 -14.27
CA ASP A 441 -2.68 35.33 -14.09
C ASP A 441 -3.78 35.28 -15.15
N ASP A 442 -3.52 34.67 -16.30
CA ASP A 442 -4.61 34.51 -17.26
C ASP A 442 -5.59 33.45 -16.79
N LYS A 443 -5.11 32.43 -16.08
CA LYS A 443 -6.00 31.35 -15.62
C LYS A 443 -7.02 31.87 -14.64
N THR A 444 -6.66 32.83 -13.81
CA THR A 444 -7.66 33.37 -12.92
C THR A 444 -8.55 34.39 -13.63
N THR A 445 -8.29 34.70 -14.90
CA THR A 445 -9.22 35.46 -15.70
C THR A 445 -9.55 34.78 -17.02
N VAL A 446 -9.24 33.48 -17.16
CA VAL A 446 -9.93 32.66 -18.14
C VAL A 446 -11.20 32.09 -17.54
N TYR A 447 -11.10 31.53 -16.33
CA TYR A 447 -12.29 31.05 -15.63
C TYR A 447 -13.21 32.21 -15.28
N CYS A 448 -12.66 33.30 -14.75
CA CYS A 448 -13.48 34.42 -14.32
C CYS A 448 -14.09 35.15 -15.51
N LYS A 449 -13.41 35.11 -16.67
CA LYS A 449 -14.06 35.54 -17.90
C LYS A 449 -15.19 34.59 -18.26
N GLU A 450 -14.96 33.29 -18.11
CA GLU A 450 -15.98 32.33 -18.52
C GLU A 450 -17.09 32.26 -17.49
N ALA A 451 -16.79 32.47 -16.22
CA ALA A 451 -17.85 32.56 -15.23
C ALA A 451 -18.65 33.83 -15.39
N ASP A 452 -18.02 34.90 -15.91
CA ASP A 452 -18.73 36.13 -16.20
C ASP A 452 -19.81 35.91 -17.25
N TYR A 453 -19.55 35.03 -18.22
CA TYR A 453 -20.62 34.61 -19.10
C TYR A 453 -21.62 33.74 -18.36
N LEU A 454 -21.14 32.79 -17.58
CA LEU A 454 -21.99 31.66 -17.24
C LEU A 454 -22.98 31.98 -16.13
N TRP A 455 -22.68 32.93 -15.25
CA TRP A 455 -23.63 33.27 -14.20
C TRP A 455 -24.86 33.94 -14.77
N LYS A 456 -24.73 34.57 -15.93
CA LYS A 456 -25.88 35.11 -16.64
C LYS A 456 -26.83 34.01 -17.10
N LYS A 457 -26.32 32.79 -17.22
CA LYS A 457 -27.17 31.69 -17.67
C LYS A 457 -27.93 31.04 -16.52
N TYR A 458 -27.25 30.80 -15.40
CA TYR A 458 -27.80 29.90 -14.37
C TYR A 458 -28.24 30.59 -13.10
N ARG A 459 -28.32 31.91 -13.07
CA ARG A 459 -28.58 32.59 -11.80
C ARG A 459 -30.02 32.39 -11.34
N GLU A 460 -30.95 32.22 -12.28
CA GLU A 460 -32.31 31.93 -11.88
C GLU A 460 -32.44 30.49 -11.42
N SER A 461 -31.61 29.61 -11.96
CA SER A 461 -31.75 28.19 -11.67
C SER A 461 -31.23 27.87 -10.28
N ILE A 462 -30.03 28.34 -9.94
CA ILE A 462 -29.48 28.03 -8.62
C ILE A 462 -30.13 28.85 -7.53
N ARG A 463 -30.86 29.91 -7.89
CA ARG A 463 -31.73 30.55 -6.91
C ARG A 463 -32.90 29.64 -6.57
N GLU A 464 -33.44 28.95 -7.58
CA GLU A 464 -34.51 27.98 -7.34
C GLU A 464 -34.02 26.80 -6.51
N VAL A 465 -32.73 26.48 -6.62
CA VAL A 465 -32.13 25.53 -5.70
C VAL A 465 -32.04 26.13 -4.30
N ALA A 466 -31.53 27.35 -4.20
CA ALA A 466 -31.14 27.93 -2.91
C ALA A 466 -32.33 28.23 -2.01
N ASP A 467 -33.42 28.77 -2.55
CA ASP A 467 -34.59 28.97 -1.72
C ASP A 467 -35.32 27.67 -1.38
N ALA A 468 -35.03 26.61 -2.12
CA ALA A 468 -35.56 25.30 -1.82
C ALA A 468 -34.69 24.52 -0.86
N LEU A 469 -33.63 25.14 -0.35
CA LEU A 469 -32.73 24.50 0.60
C LEU A 469 -32.66 25.27 1.91
N ASP A 470 -33.79 25.72 2.44
CA ASP A 470 -33.73 26.39 3.74
C ASP A 470 -33.75 25.34 4.84
N GLY A 471 -33.98 25.78 6.09
CA GLY A 471 -33.83 24.91 7.23
C GLY A 471 -34.87 23.81 7.36
N ASP A 472 -36.02 23.96 6.70
CA ASP A 472 -37.11 23.02 6.89
C ASP A 472 -37.65 22.40 5.62
N ASN A 473 -37.30 22.93 4.44
CA ASN A 473 -37.73 22.27 3.21
C ASN A 473 -37.02 20.94 3.04
N ILE A 474 -35.75 20.87 3.45
CA ILE A 474 -35.00 19.63 3.34
C ILE A 474 -35.52 18.58 4.31
N LYS A 475 -36.25 18.99 5.36
CA LYS A 475 -36.94 18.02 6.18
C LYS A 475 -38.15 17.45 5.46
N LYS A 476 -38.97 18.32 4.87
CA LYS A 476 -40.19 17.83 4.26
C LYS A 476 -39.96 17.19 2.90
N LEU A 477 -38.84 17.49 2.25
CA LEU A 477 -38.50 16.76 1.03
C LEU A 477 -37.98 15.37 1.34
N SER A 478 -37.34 15.20 2.50
CA SER A 478 -36.70 13.94 2.82
C SER A 478 -37.68 12.87 3.27
N LYS A 479 -38.94 13.24 3.51
CA LYS A 479 -39.92 12.28 3.99
C LYS A 479 -40.85 11.78 2.89
N SER A 480 -40.56 12.08 1.64
CA SER A 480 -41.43 11.67 0.53
C SER A 480 -41.16 10.23 0.13
N ASN A 481 -42.12 9.65 -0.59
CA ASN A 481 -41.98 8.33 -1.17
C ASN A 481 -41.31 8.46 -2.53
N ILE A 482 -40.56 7.42 -2.93
CA ILE A 482 -39.67 7.59 -4.08
C ILE A 482 -40.45 7.50 -5.40
N GLU A 483 -41.01 6.32 -5.71
CA GLU A 483 -41.86 6.06 -6.88
C GLU A 483 -41.23 6.53 -8.19
N ILE A 484 -39.93 6.31 -8.33
CA ILE A 484 -39.20 6.84 -9.47
C ILE A 484 -38.96 5.76 -10.51
N GLN A 485 -38.81 4.50 -10.05
CA GLN A 485 -38.93 3.23 -10.82
C GLN A 485 -38.18 3.25 -12.15
N GLU A 486 -36.87 3.33 -12.05
CA GLU A 486 -36.00 3.59 -13.19
C GLU A 486 -35.25 2.32 -13.55
N ASP A 487 -34.95 2.16 -14.84
CA ASP A 487 -34.12 1.04 -15.27
C ASP A 487 -33.06 1.52 -16.26
N LYS A 488 -33.11 2.79 -16.63
CA LYS A 488 -32.00 3.38 -17.37
C LYS A 488 -30.80 3.55 -16.44
N LEU A 489 -31.07 3.80 -15.17
CA LEU A 489 -30.00 3.90 -14.18
C LEU A 489 -29.35 2.56 -13.92
N ARG A 490 -30.14 1.49 -13.89
CA ARG A 490 -29.64 0.18 -13.45
C ARG A 490 -28.69 -0.41 -14.49
N LYS A 491 -28.66 0.18 -15.68
CA LYS A 491 -27.65 -0.16 -16.66
C LYS A 491 -26.26 0.29 -16.22
N CYS A 492 -26.15 1.48 -15.61
CA CYS A 492 -24.82 2.03 -15.37
C CYS A 492 -24.42 1.85 -13.90
N PHE A 493 -25.01 0.85 -13.25
CA PHE A 493 -24.58 0.48 -11.91
C PHE A 493 -23.21 -0.13 -11.82
N ILE A 494 -22.43 0.28 -10.82
CA ILE A 494 -21.22 -0.50 -10.50
C ILE A 494 -21.54 -1.88 -9.96
N SER A 495 -20.93 -2.89 -10.55
CA SER A 495 -21.53 -4.21 -10.60
C SER A 495 -21.26 -4.87 -9.26
N TYR A 496 -22.01 -5.94 -9.00
CA TYR A 496 -22.02 -6.58 -7.70
C TYR A 496 -20.90 -7.61 -7.61
N ALA A 497 -20.98 -8.46 -6.60
CA ALA A 497 -19.88 -9.39 -6.38
C ALA A 497 -19.98 -10.64 -7.21
N ASP A 498 -20.96 -10.75 -8.10
CA ASP A 498 -21.04 -11.94 -8.93
C ASP A 498 -20.28 -11.76 -10.22
N SER A 499 -20.36 -10.59 -10.83
CA SER A 499 -19.64 -10.32 -12.05
C SER A 499 -18.33 -9.59 -11.81
N VAL A 500 -17.69 -9.83 -10.67
CA VAL A 500 -16.34 -9.34 -10.40
C VAL A 500 -15.53 -10.53 -9.89
N SER A 501 -14.23 -10.50 -10.18
CA SER A 501 -13.45 -11.70 -9.98
C SER A 501 -13.03 -11.88 -8.53
N GLU A 502 -12.55 -13.08 -8.22
CA GLU A 502 -12.09 -13.36 -6.87
C GLU A 502 -10.78 -12.70 -6.54
N PHE A 503 -10.02 -12.25 -7.54
CA PHE A 503 -8.84 -11.46 -7.22
C PHE A 503 -9.23 -10.10 -6.70
N THR A 504 -10.13 -9.42 -7.41
CA THR A 504 -10.54 -8.08 -7.01
C THR A 504 -11.28 -8.11 -5.68
N LYS A 505 -12.05 -9.16 -5.44
CA LYS A 505 -12.69 -9.31 -4.14
C LYS A 505 -11.67 -9.62 -3.05
N LEU A 506 -10.58 -10.32 -3.37
CA LEU A 506 -9.58 -10.57 -2.36
C LEU A 506 -8.76 -9.35 -2.02
N ILE A 507 -8.33 -8.56 -3.02
CA ILE A 507 -7.63 -7.35 -2.63
C ILE A 507 -8.64 -6.26 -2.30
N TYR A 508 -9.93 -6.53 -2.41
CA TYR A 508 -10.88 -5.65 -1.73
C TYR A 508 -10.75 -5.87 -0.25
N LEU A 509 -10.88 -7.13 0.18
CA LEU A 509 -10.82 -7.48 1.60
C LEU A 509 -9.48 -7.15 2.22
N LEU A 510 -8.43 -7.07 1.41
CA LEU A 510 -7.17 -6.57 1.91
C LEU A 510 -7.26 -5.09 2.23
N THR A 511 -8.04 -4.33 1.47
CA THR A 511 -8.16 -2.91 1.79
C THR A 511 -9.16 -2.64 2.88
N ARG A 512 -9.70 -3.65 3.52
CA ARG A 512 -10.53 -3.43 4.69
C ARG A 512 -9.74 -3.51 5.97
N PHE A 513 -8.43 -3.55 5.89
CA PHE A 513 -7.63 -3.61 7.10
C PHE A 513 -6.49 -2.59 7.10
N LEU A 514 -6.47 -1.66 6.14
CA LEU A 514 -5.35 -0.74 6.07
C LEU A 514 -5.83 0.65 5.66
N SER A 515 -4.99 1.63 5.96
CA SER A 515 -5.39 3.01 6.00
C SER A 515 -5.60 3.57 4.60
N GLY A 516 -6.16 4.78 4.56
CA GLY A 516 -6.56 5.38 3.30
C GLY A 516 -5.43 5.95 2.49
N LYS A 517 -4.26 6.15 3.10
CA LYS A 517 -3.10 6.56 2.33
C LYS A 517 -2.58 5.42 1.50
N GLU A 518 -2.82 4.20 1.93
CA GLU A 518 -2.26 3.05 1.26
C GLU A 518 -3.29 2.05 0.77
N ILE A 519 -4.58 2.39 0.80
CA ILE A 519 -5.49 1.80 -0.18
C ILE A 519 -5.16 2.36 -1.54
N ASN A 520 -5.00 3.68 -1.61
CA ASN A 520 -4.69 4.39 -2.83
C ASN A 520 -3.31 4.05 -3.37
N ASP A 521 -2.45 3.40 -2.59
CA ASP A 521 -1.22 2.88 -3.14
C ASP A 521 -1.26 1.39 -3.40
N LEU A 522 -2.33 0.71 -3.01
CA LEU A 522 -2.47 -0.68 -3.38
C LEU A 522 -3.23 -0.81 -4.67
N VAL A 523 -4.34 -0.12 -4.77
CA VAL A 523 -5.25 -0.35 -5.88
C VAL A 523 -5.03 0.78 -6.88
N THR A 524 -3.84 1.38 -6.83
CA THR A 524 -3.33 2.09 -7.98
C THR A 524 -1.98 1.59 -8.45
N THR A 525 -1.23 0.88 -7.62
CA THR A 525 -0.13 0.14 -8.20
C THR A 525 -0.57 -1.23 -8.69
N LEU A 526 -1.84 -1.58 -8.55
CA LEU A 526 -2.39 -2.71 -9.27
C LEU A 526 -3.25 -2.29 -10.44
N ILE A 527 -3.57 -1.01 -10.58
CA ILE A 527 -3.93 -0.48 -11.88
C ILE A 527 -2.74 -0.55 -12.80
N ASN A 528 -1.58 -0.12 -12.31
CA ASN A 528 -0.42 0.07 -13.15
C ASN A 528 0.18 -1.26 -13.59
N LYS A 529 0.21 -2.26 -12.70
CA LYS A 529 0.85 -3.50 -13.11
C LYS A 529 -0.04 -4.33 -14.00
N PHE A 530 -1.34 -4.29 -13.80
CA PHE A 530 -2.18 -4.97 -14.79
C PHE A 530 -2.37 -4.17 -16.06
N ASP A 531 -1.88 -2.93 -16.12
CA ASP A 531 -1.88 -2.20 -17.37
C ASP A 531 -0.54 -2.30 -18.06
N ASN A 532 0.53 -2.51 -17.31
CA ASN A 532 1.82 -2.86 -17.87
C ASN A 532 2.02 -4.34 -17.98
N ILE A 533 0.96 -5.13 -17.83
CA ILE A 533 0.96 -6.49 -18.33
C ILE A 533 0.11 -6.59 -19.58
N ARG A 534 -1.00 -5.85 -19.62
CA ARG A 534 -1.83 -5.78 -20.81
C ARG A 534 -1.08 -5.20 -22.00
N SER A 535 -0.27 -4.16 -21.78
CA SER A 535 0.40 -3.50 -22.89
C SER A 535 1.49 -4.37 -23.49
N PHE A 536 2.06 -5.29 -22.74
CA PHE A 536 2.93 -6.28 -23.36
C PHE A 536 2.14 -7.33 -24.10
N LEU A 537 0.93 -7.65 -23.64
CA LEU A 537 0.12 -8.61 -24.34
C LEU A 537 -0.63 -8.03 -25.53
N GLU A 538 -0.37 -6.77 -25.86
CA GLU A 538 -0.75 -6.20 -27.14
C GLU A 538 0.48 -5.78 -27.93
N ILE A 539 1.62 -6.37 -27.62
CA ILE A 539 2.80 -6.30 -28.46
C ILE A 539 3.20 -7.67 -28.96
N MET A 540 3.40 -8.61 -28.05
CA MET A 540 3.72 -9.95 -28.49
C MET A 540 2.52 -10.70 -29.05
N ASP A 541 1.31 -10.14 -28.88
CA ASP A 541 0.17 -10.64 -29.62
C ASP A 541 0.01 -9.90 -30.94
N GLU A 542 0.53 -8.68 -31.00
CA GLU A 542 0.54 -7.96 -32.26
C GLU A 542 1.64 -8.47 -33.17
N LEU A 543 2.77 -8.87 -32.61
CA LEU A 543 3.89 -9.36 -33.40
C LEU A 543 3.82 -10.85 -33.67
N GLY A 544 2.68 -11.49 -33.38
CA GLY A 544 2.54 -12.89 -33.66
C GLY A 544 3.36 -13.80 -32.77
N LEU A 545 3.90 -13.29 -31.67
CA LEU A 545 4.69 -14.12 -30.79
C LEU A 545 3.78 -14.98 -29.93
N ASP A 546 4.37 -15.97 -29.28
CA ASP A 546 3.60 -16.88 -28.45
C ASP A 546 3.21 -16.18 -27.16
N ARG A 547 1.97 -16.41 -26.73
CA ARG A 547 1.40 -15.67 -25.62
C ARG A 547 0.74 -16.56 -24.58
N THR A 548 0.40 -17.80 -24.93
CA THR A 548 -0.43 -18.63 -24.08
C THR A 548 0.33 -19.08 -22.84
N PHE A 549 -0.15 -18.68 -21.67
CA PHE A 549 0.41 -19.10 -20.40
C PHE A 549 0.12 -20.58 -20.17
N THR A 550 0.82 -21.18 -19.22
CA THR A 550 0.50 -22.56 -18.89
C THR A 550 -0.80 -22.63 -18.12
N ALA A 551 -1.45 -23.78 -18.22
CA ALA A 551 -2.83 -23.92 -17.76
C ALA A 551 -2.94 -23.86 -16.24
N GLU A 552 -1.87 -24.17 -15.54
CA GLU A 552 -1.81 -23.98 -14.10
C GLU A 552 -1.42 -22.57 -13.70
N TYR A 553 -1.32 -21.67 -14.66
CA TYR A 553 -0.85 -20.34 -14.38
C TYR A 553 -1.68 -19.29 -15.10
N SER A 554 -2.70 -19.71 -15.84
CA SER A 554 -3.45 -18.85 -16.76
C SER A 554 -4.40 -17.97 -15.96
N PHE A 555 -3.81 -16.96 -15.33
CA PHE A 555 -4.53 -15.90 -14.65
C PHE A 555 -4.53 -14.61 -15.44
N PHE A 556 -3.55 -14.46 -16.32
CA PHE A 556 -3.22 -13.17 -16.89
C PHE A 556 -3.70 -13.00 -18.31
N GLU A 557 -4.44 -13.97 -18.84
CA GLU A 557 -5.23 -13.68 -20.03
C GLU A 557 -6.32 -12.68 -19.71
N GLY A 558 -6.91 -12.81 -18.52
CA GLY A 558 -7.92 -11.90 -18.03
C GLY A 558 -7.38 -10.62 -17.45
N SER A 559 -6.15 -10.25 -17.76
CA SER A 559 -5.62 -8.97 -17.30
C SER A 559 -6.17 -7.79 -18.10
N THR A 560 -6.95 -8.05 -19.14
CA THR A 560 -7.69 -6.96 -19.77
C THR A 560 -8.91 -6.61 -18.94
N LYS A 561 -9.50 -7.60 -18.26
CA LYS A 561 -10.64 -7.28 -17.40
C LYS A 561 -10.25 -7.04 -15.96
N TYR A 562 -9.10 -7.53 -15.51
CA TYR A 562 -8.63 -7.18 -14.17
C TYR A 562 -8.22 -5.73 -14.11
N LEU A 563 -7.75 -5.18 -15.23
CA LEU A 563 -7.57 -3.74 -15.31
C LEU A 563 -8.91 -3.04 -15.28
N ALA A 564 -9.96 -3.69 -15.74
CA ALA A 564 -11.28 -3.05 -15.77
C ALA A 564 -12.03 -3.24 -14.47
N GLU A 565 -11.74 -4.31 -13.72
CA GLU A 565 -12.34 -4.45 -12.41
C GLU A 565 -11.70 -3.50 -11.42
N LEU A 566 -10.39 -3.32 -11.51
CA LEU A 566 -9.71 -2.55 -10.48
C LEU A 566 -9.87 -1.05 -10.67
N VAL A 567 -10.18 -0.61 -11.89
CA VAL A 567 -10.55 0.80 -12.06
C VAL A 567 -11.92 1.03 -11.45
N GLU A 568 -12.83 0.07 -11.63
CA GLU A 568 -14.12 0.11 -10.96
C GLU A 568 -13.97 0.03 -9.44
N LEU A 569 -12.97 -0.70 -8.96
CA LEU A 569 -12.76 -0.77 -7.52
C LEU A 569 -12.21 0.53 -6.98
N ASN A 570 -11.42 1.24 -7.77
CA ASN A 570 -10.86 2.49 -7.30
C ASN A 570 -11.91 3.60 -7.20
N SER A 571 -13.08 3.41 -7.78
CA SER A 571 -14.06 4.48 -7.79
C SER A 571 -14.75 4.64 -6.45
N PHE A 572 -14.75 3.60 -5.61
CA PHE A 572 -15.57 3.68 -4.41
C PHE A 572 -14.93 3.14 -3.14
N VAL A 573 -13.68 2.71 -3.15
CA VAL A 573 -13.09 2.20 -1.92
C VAL A 573 -12.81 3.36 -0.98
N LYS A 574 -13.24 3.22 0.26
CA LYS A 574 -12.91 4.17 1.29
C LYS A 574 -12.27 3.41 2.44
N SER A 575 -11.98 4.09 3.54
CA SER A 575 -11.37 3.43 4.67
C SER A 575 -12.37 2.51 5.35
N CYS A 576 -11.85 1.57 6.12
CA CYS A 576 -12.69 0.58 6.78
C CYS A 576 -13.40 1.20 7.98
N SER A 577 -14.70 1.37 7.86
CA SER A 577 -15.45 2.20 8.80
C SER A 577 -15.66 1.51 10.13
N PHE A 578 -15.47 2.26 11.21
CA PHE A 578 -15.86 1.81 12.53
C PHE A 578 -17.37 1.72 12.61
N ASP A 579 -17.84 0.92 13.55
CA ASP A 579 -19.26 0.96 13.85
C ASP A 579 -19.53 1.96 14.96
N ILE A 580 -20.80 2.17 15.26
CA ILE A 580 -21.17 3.10 16.33
C ILE A 580 -20.88 2.48 17.69
N ASN A 581 -21.47 1.32 17.97
CA ASN A 581 -21.38 0.71 19.30
C ASN A 581 -20.03 0.01 19.51
N ALA A 582 -18.97 0.82 19.44
CA ALA A 582 -17.63 0.41 19.81
C ALA A 582 -16.91 1.52 20.53
N LYS A 583 -17.64 2.47 21.10
CA LYS A 583 -16.99 3.53 21.87
C LYS A 583 -16.36 2.99 23.13
N ARG A 584 -16.98 1.99 23.75
CA ARG A 584 -16.55 1.54 25.08
C ARG A 584 -15.20 0.85 25.02
N THR A 585 -14.94 0.10 23.96
CA THR A 585 -13.66 -0.57 23.83
C THR A 585 -12.62 0.31 23.15
N MET A 586 -13.06 1.33 22.42
CA MET A 586 -12.15 2.32 21.87
C MET A 586 -11.69 3.28 22.95
N TYR A 587 -12.55 3.54 23.93
CA TYR A 587 -12.15 4.40 25.04
C TYR A 587 -11.18 3.71 25.97
N ARG A 588 -11.33 2.40 26.14
CA ARG A 588 -10.37 1.65 26.93
C ARG A 588 -9.00 1.68 26.28
N ASP A 589 -8.97 1.59 24.96
CA ASP A 589 -7.70 1.67 24.25
C ASP A 589 -7.28 3.10 24.00
N ALA A 590 -7.74 4.05 24.79
CA ALA A 590 -7.19 5.39 24.83
C ALA A 590 -6.33 5.61 26.05
N LEU A 591 -6.78 5.17 27.21
CA LEU A 591 -6.07 5.49 28.44
C LEU A 591 -4.82 4.67 28.62
N ASP A 592 -4.61 3.62 27.85
CA ASP A 592 -3.36 2.87 27.91
C ASP A 592 -2.45 3.12 26.72
N ILE A 593 -2.95 3.76 25.66
CA ILE A 593 -2.05 4.52 24.78
C ILE A 593 -1.40 5.62 25.58
N LEU A 594 -2.20 6.28 26.42
CA LEU A 594 -1.80 7.48 27.11
C LEU A 594 -1.20 7.23 28.48
N GLY A 595 -1.45 6.07 29.07
CA GLY A 595 -0.85 5.76 30.35
C GLY A 595 -1.59 6.42 31.48
N ILE A 596 -2.90 6.25 31.51
CA ILE A 596 -3.78 6.87 32.49
C ILE A 596 -4.36 5.72 33.29
N GLU A 597 -3.52 4.73 33.58
CA GLU A 597 -3.97 3.46 34.14
C GLU A 597 -4.64 3.65 35.49
N SER A 598 -5.64 2.81 35.76
CA SER A 598 -6.34 2.82 37.04
C SER A 598 -5.88 1.64 37.88
N ASP A 599 -5.87 1.84 39.19
CA ASP A 599 -5.43 0.78 40.07
C ASP A 599 -6.49 -0.30 40.26
N LYS A 600 -7.74 -0.04 39.89
CA LYS A 600 -8.76 -1.06 40.01
C LYS A 600 -8.58 -2.12 38.93
N THR A 601 -9.24 -3.25 39.13
CA THR A 601 -9.09 -4.38 38.24
C THR A 601 -9.77 -4.12 36.90
N GLU A 602 -9.47 -4.98 35.93
CA GLU A 602 -9.97 -4.80 34.57
C GLU A 602 -11.47 -5.00 34.51
N GLU A 603 -11.99 -5.93 35.30
CA GLU A 603 -13.43 -6.14 35.39
C GLU A 603 -14.11 -5.14 36.31
N ASP A 604 -13.37 -4.18 36.87
CA ASP A 604 -13.95 -3.10 37.65
C ASP A 604 -13.52 -1.73 37.16
N ILE A 605 -12.98 -1.61 35.94
CA ILE A 605 -12.76 -0.31 35.34
C ILE A 605 -13.56 -0.10 34.07
N GLU A 606 -14.19 -1.13 33.51
CA GLU A 606 -15.08 -0.86 32.39
C GLU A 606 -16.36 -0.17 32.87
N LYS A 607 -16.68 -0.29 34.17
CA LYS A 607 -17.78 0.47 34.72
C LYS A 607 -17.44 1.95 34.80
N MET A 608 -16.16 2.29 34.92
CA MET A 608 -15.74 3.66 34.66
C MET A 608 -16.03 4.03 33.23
N ILE A 609 -15.73 3.12 32.30
CA ILE A 609 -15.95 3.40 30.89
C ILE A 609 -17.44 3.42 30.60
N ASP A 610 -18.20 2.64 31.37
CA ASP A 610 -19.65 2.70 31.29
C ASP A 610 -20.18 4.06 31.73
N ASN A 611 -19.87 4.46 32.96
CA ASN A 611 -20.50 5.63 33.53
C ASN A 611 -20.02 6.94 32.93
N ILE A 612 -18.89 6.94 32.23
CA ILE A 612 -18.46 8.15 31.54
C ILE A 612 -19.16 8.30 30.21
N LEU A 613 -19.26 7.21 29.46
CA LEU A 613 -19.97 7.25 28.18
C LEU A 613 -21.48 7.25 28.40
N GLN A 614 -22.00 6.17 29.01
CA GLN A 614 -23.40 5.88 29.34
C GLN A 614 -24.37 6.21 28.21
N ILE A 615 -24.23 5.43 27.14
CA ILE A 615 -25.04 5.44 25.92
C ILE A 615 -26.53 5.63 26.09
N ASP A 620 -26.11 7.74 22.22
CA ASP A 620 -24.76 7.20 22.04
C ASP A 620 -23.77 7.81 23.03
N LYS A 621 -23.87 9.12 23.23
CA LYS A 621 -23.09 9.82 24.26
C LYS A 621 -24.04 10.71 25.03
N LYS A 622 -24.24 10.41 26.31
CA LYS A 622 -24.82 11.35 27.24
C LYS A 622 -23.81 11.44 28.37
N LEU A 623 -22.78 12.24 28.17
CA LEU A 623 -21.73 12.34 29.16
C LEU A 623 -22.12 13.35 30.22
N LYS A 624 -21.60 13.15 31.43
CA LYS A 624 -21.92 14.03 32.55
C LYS A 624 -21.34 15.41 32.31
N LYS A 625 -21.92 16.40 32.98
CA LYS A 625 -21.42 17.76 32.84
C LYS A 625 -20.35 18.03 33.87
N ASN A 626 -19.26 18.66 33.41
CA ASN A 626 -18.12 19.08 34.21
C ASN A 626 -17.47 17.88 34.92
N ASN A 627 -16.90 16.99 34.11
CA ASN A 627 -16.30 15.76 34.58
C ASN A 627 -14.79 15.75 34.41
N GLY A 628 -14.21 16.81 33.87
CA GLY A 628 -12.76 16.91 33.78
C GLY A 628 -12.13 16.06 32.70
N LEU A 629 -11.01 15.43 32.99
CA LEU A 629 -10.35 14.62 31.98
C LEU A 629 -11.02 13.26 31.78
N ARG A 630 -11.99 12.91 32.62
CA ARG A 630 -12.77 11.70 32.39
C ARG A 630 -13.51 11.78 31.08
N ASN A 631 -14.10 12.93 30.77
CA ASN A 631 -14.80 13.10 29.50
C ASN A 631 -14.10 14.04 28.54
N PHE A 632 -12.90 14.51 28.86
CA PHE A 632 -12.08 15.12 27.83
C PHE A 632 -11.73 14.11 26.78
N ILE A 633 -11.22 12.96 27.21
CA ILE A 633 -10.70 11.96 26.31
C ILE A 633 -11.83 11.07 25.82
N ALA A 634 -13.06 11.44 26.11
CA ALA A 634 -14.22 10.85 25.45
C ALA A 634 -14.77 11.74 24.36
N SER A 635 -14.64 13.06 24.50
CA SER A 635 -15.08 13.92 23.43
C SER A 635 -14.04 13.96 22.33
N ASN A 636 -12.83 14.40 22.66
CA ASN A 636 -11.88 14.69 21.61
C ASN A 636 -11.19 13.44 21.10
N VAL A 637 -10.39 12.78 21.95
CA VAL A 637 -9.46 11.80 21.40
C VAL A 637 -10.10 10.48 21.04
N ILE A 638 -11.39 10.28 21.30
CA ILE A 638 -12.04 9.11 20.73
C ILE A 638 -12.46 9.37 19.30
N ASP A 639 -13.09 10.51 19.06
CA ASP A 639 -13.62 10.79 17.74
C ASP A 639 -12.60 11.41 16.81
N SER A 640 -11.34 11.53 17.22
CA SER A 640 -10.36 12.18 16.39
C SER A 640 -9.90 11.26 15.28
N ASN A 641 -9.32 11.85 14.23
CA ASN A 641 -8.86 11.06 13.10
C ASN A 641 -7.68 10.19 13.48
N ARG A 642 -6.65 10.82 14.05
CA ARG A 642 -5.36 10.17 14.27
C ARG A 642 -5.46 9.04 15.27
N PHE A 643 -6.42 9.11 16.18
CA PHE A 643 -6.63 8.01 17.10
C PHE A 643 -7.24 6.83 16.40
N LYS A 644 -8.13 7.09 15.43
CA LYS A 644 -8.74 6.00 14.69
C LYS A 644 -7.73 5.28 13.82
N TYR A 645 -6.64 5.95 13.46
CA TYR A 645 -5.57 5.26 12.78
C TYR A 645 -4.74 4.43 13.72
N LEU A 646 -4.45 4.93 14.92
CA LEU A 646 -3.46 4.25 15.73
C LEU A 646 -4.02 3.04 16.44
N VAL A 647 -5.29 3.07 16.86
CA VAL A 647 -5.81 1.88 17.53
C VAL A 647 -6.20 0.78 16.57
N ARG A 648 -6.36 1.06 15.28
CA ARG A 648 -6.45 -0.05 14.37
C ARG A 648 -5.09 -0.60 14.01
N TYR A 649 -4.01 0.06 14.40
CA TYR A 649 -2.70 -0.30 13.90
C TYR A 649 -1.76 -0.80 14.98
N GLY A 650 -1.46 0.02 15.95
CA GLY A 650 -0.49 -0.34 16.94
C GLY A 650 -1.11 -1.18 18.01
N ASN A 651 -0.27 -1.75 18.84
CA ASN A 651 -0.75 -2.43 20.03
C ASN A 651 -1.29 -1.36 20.97
N PRO A 652 -2.50 -1.51 21.48
CA PRO A 652 -2.99 -0.56 22.48
C PRO A 652 -2.15 -0.50 23.74
N LYS A 653 -2.03 -1.60 24.47
CA LYS A 653 -1.34 -1.51 25.76
C LYS A 653 0.14 -1.82 25.65
N LYS A 654 0.79 -1.23 24.65
CA LYS A 654 2.24 -1.36 24.55
C LYS A 654 2.94 -0.07 24.14
N ILE A 655 2.28 0.85 23.45
CA ILE A 655 2.99 1.91 22.77
C ILE A 655 3.05 3.20 23.59
N ARG A 656 2.77 3.12 24.88
CA ARG A 656 3.19 4.26 25.70
C ARG A 656 4.66 4.14 26.03
N GLU A 657 5.08 2.96 26.51
CA GLU A 657 6.48 2.75 26.82
C GLU A 657 7.33 2.58 25.58
N THR A 658 6.73 2.46 24.41
CA THR A 658 7.49 2.65 23.19
C THR A 658 7.83 4.11 23.00
N ALA A 659 6.94 5.00 23.41
CA ALA A 659 7.19 6.42 23.24
C ALA A 659 8.14 7.00 24.27
N LYS A 660 8.57 6.22 25.26
CA LYS A 660 9.40 6.80 26.30
C LYS A 660 10.83 7.05 25.85
N CYS A 661 11.27 6.45 24.76
CA CYS A 661 12.62 6.70 24.27
C CYS A 661 12.63 8.00 23.49
N LYS A 662 13.26 9.02 24.06
CA LYS A 662 13.38 10.32 23.41
C LYS A 662 14.08 10.32 22.05
N PRO A 663 15.25 9.68 21.83
CA PRO A 663 15.92 9.89 20.54
C PRO A 663 15.26 9.18 19.38
N ALA A 664 14.51 8.12 19.62
CA ALA A 664 13.68 7.56 18.56
C ALA A 664 12.55 8.51 18.21
N VAL A 665 11.90 9.09 19.22
CA VAL A 665 10.84 10.05 18.97
C VAL A 665 11.36 11.29 18.29
N ARG A 666 12.47 11.84 18.79
CA ARG A 666 13.02 13.08 18.25
C ARG A 666 13.48 12.91 16.82
N PHE A 667 13.82 11.69 16.42
CA PHE A 667 14.03 11.41 15.01
C PHE A 667 12.74 11.49 14.21
N VAL A 668 11.63 10.97 14.76
CA VAL A 668 10.44 10.73 13.95
C VAL A 668 9.80 12.04 13.52
N LEU A 669 9.83 13.03 14.38
CA LEU A 669 9.31 14.32 13.97
C LEU A 669 10.32 15.18 13.23
N ASN A 670 11.36 14.58 12.64
CA ASN A 670 12.13 15.33 11.65
C ASN A 670 11.34 15.44 10.36
N GLU A 671 10.78 14.34 9.90
CA GLU A 671 9.99 14.31 8.68
C GLU A 671 8.51 14.55 8.93
N ILE A 672 8.15 14.98 10.12
CA ILE A 672 6.87 15.65 10.35
C ILE A 672 7.02 17.12 10.04
N PRO A 673 6.12 17.71 9.25
CA PRO A 673 6.43 18.96 8.52
C PRO A 673 6.61 20.15 9.44
N ASP A 674 7.23 21.19 8.87
CA ASP A 674 7.54 22.38 9.63
C ASP A 674 6.29 23.17 9.98
N ALA A 675 5.27 23.11 9.12
CA ALA A 675 4.01 23.72 9.48
C ALA A 675 3.25 22.92 10.52
N GLN A 676 3.57 21.64 10.67
CA GLN A 676 2.91 20.82 11.68
C GLN A 676 3.42 21.14 13.07
N ILE A 677 4.74 21.27 13.22
CA ILE A 677 5.30 21.47 14.55
C ILE A 677 5.06 22.88 15.03
N GLU A 678 4.93 23.85 14.14
CA GLU A 678 4.63 25.19 14.59
C GLU A 678 3.18 25.32 15.02
N ARG A 679 2.31 24.40 14.64
CA ARG A 679 0.99 24.35 15.24
C ARG A 679 1.07 23.84 16.66
N TYR A 680 2.00 22.91 16.93
CA TYR A 680 2.04 22.33 18.26
C TYR A 680 3.08 22.95 19.16
N TYR A 681 4.08 23.64 18.61
CA TYR A 681 4.95 24.41 19.47
C TYR A 681 4.22 25.62 20.04
N GLU A 682 3.35 26.23 19.24
CA GLU A 682 2.55 27.34 19.72
C GLU A 682 1.43 26.88 20.63
N ALA A 683 1.05 25.61 20.54
CA ALA A 683 0.03 25.07 21.43
C ALA A 683 0.59 24.64 22.77
N CYS A 684 1.90 24.69 22.95
CA CYS A 684 2.51 24.20 24.17
C CYS A 684 3.48 25.16 24.84
N CYS A 685 4.24 25.94 24.08
CA CYS A 685 5.26 26.76 24.74
C CYS A 685 4.72 28.03 25.38
N PRO A 686 3.82 28.81 24.74
CA PRO A 686 3.33 29.91 25.59
C PRO A 686 2.18 29.46 26.46
N CYS A 692 13.31 29.47 18.78
CA CYS A 692 12.23 29.36 17.81
C CYS A 692 12.70 28.67 16.53
N SER A 693 13.99 28.35 16.46
CA SER A 693 14.50 27.67 15.28
C SER A 693 14.10 26.21 15.29
N ALA A 694 13.76 25.69 14.12
CA ALA A 694 13.15 24.38 13.98
C ALA A 694 14.08 23.22 14.34
N ASN A 695 15.38 23.47 14.51
CA ASN A 695 16.22 22.47 15.15
C ASN A 695 15.86 22.32 16.61
N LYS A 696 15.91 23.42 17.36
CA LYS A 696 15.66 23.35 18.78
C LYS A 696 14.19 23.52 19.13
N ARG A 697 13.35 23.85 18.14
CA ARG A 697 11.92 23.78 18.36
C ARG A 697 11.45 22.34 18.46
N ARG A 698 12.02 21.45 17.64
CA ARG A 698 11.59 20.06 17.62
C ARG A 698 12.00 19.33 18.89
N GLU A 699 13.21 19.57 19.39
CA GLU A 699 13.61 18.93 20.62
C GLU A 699 12.93 19.52 21.84
N LYS A 700 12.30 20.70 21.69
CA LYS A 700 11.55 21.28 22.79
C LYS A 700 10.28 20.48 23.05
N LEU A 701 9.70 19.87 22.02
CA LEU A 701 8.48 19.10 22.21
C LEU A 701 8.66 17.63 21.89
N ALA A 702 9.85 17.20 21.49
CA ALA A 702 10.11 15.77 21.43
C ALA A 702 10.19 15.18 22.82
N ASP A 703 10.74 15.93 23.77
CA ASP A 703 10.70 15.54 25.18
C ASP A 703 9.44 16.03 25.88
N MET A 704 8.40 16.32 25.12
CA MET A 704 7.08 16.53 25.66
C MET A 704 6.14 15.41 25.25
N ILE A 705 6.32 14.91 24.03
CA ILE A 705 5.65 13.70 23.59
C ILE A 705 6.13 12.50 24.39
N ALA A 706 7.41 12.50 24.76
CA ALA A 706 7.97 11.37 25.50
C ALA A 706 7.42 11.31 26.92
N GLU A 707 7.65 12.37 27.69
CA GLU A 707 6.99 12.48 28.99
C GLU A 707 5.71 13.30 28.85
N ILE A 708 4.71 12.62 28.34
CA ILE A 708 3.36 13.11 28.47
C ILE A 708 2.86 12.67 29.84
N LYS A 709 1.92 13.41 30.40
CA LYS A 709 1.53 13.13 31.78
C LYS A 709 0.06 13.46 31.96
N PHE A 710 -0.68 12.52 32.52
CA PHE A 710 -2.09 12.76 32.78
C PHE A 710 -2.42 12.29 34.19
N GLU A 711 -3.49 12.84 34.74
CA GLU A 711 -3.83 12.57 36.13
C GLU A 711 -4.38 11.16 36.28
N ASN A 712 -4.10 10.57 37.45
CA ASN A 712 -4.38 9.17 37.71
C ASN A 712 -5.89 8.92 37.80
N PHE A 713 -6.27 7.66 37.59
CA PHE A 713 -7.64 7.24 37.85
C PHE A 713 -7.68 6.32 39.06
N SER A 726 0.57 26.46 42.27
CA SER A 726 -0.80 26.71 42.66
C SER A 726 -1.75 25.93 41.76
N ARG A 727 -3.02 26.35 41.73
CA ARG A 727 -3.99 25.73 40.84
C ARG A 727 -3.87 26.24 39.41
N THR A 728 -3.09 27.28 39.18
CA THR A 728 -2.86 27.76 37.81
C THR A 728 -1.85 26.87 37.09
N SER A 729 -0.77 26.49 37.78
CA SER A 729 0.25 25.66 37.16
C SER A 729 -0.26 24.26 36.92
N GLU A 730 -0.93 23.67 37.90
CA GLU A 730 -1.39 22.29 37.77
C GLU A 730 -2.60 22.14 36.88
N ALA A 731 -3.15 23.25 36.38
CA ALA A 731 -4.14 23.20 35.32
C ALA A 731 -3.55 23.52 33.96
N GLU A 732 -2.55 24.39 33.91
CA GLU A 732 -1.98 24.73 32.61
C GLU A 732 -1.02 23.65 32.14
N ILE A 733 -0.50 22.81 33.05
CA ILE A 733 0.25 21.67 32.57
C ILE A 733 -0.69 20.63 31.99
N LYS A 734 -1.96 20.64 32.41
CA LYS A 734 -2.92 19.76 31.73
C LYS A 734 -3.21 20.26 30.33
N ARG A 735 -3.26 21.58 30.16
CA ARG A 735 -3.55 22.12 28.83
C ARG A 735 -2.39 21.86 27.88
N LYS A 736 -1.17 21.86 28.39
CA LYS A 736 -0.07 21.54 27.49
C LYS A 736 0.10 20.05 27.31
N ASN A 737 -0.60 19.23 28.08
CA ASN A 737 -0.63 17.81 27.80
C ASN A 737 -1.84 17.40 26.99
N GLN A 738 -2.88 18.21 26.97
CA GLN A 738 -4.03 17.90 26.14
C GLN A 738 -3.95 18.52 24.77
N ALA A 739 -3.02 19.44 24.55
CA ALA A 739 -2.83 20.01 23.24
C ALA A 739 -1.76 19.30 22.43
N ILE A 740 -0.94 18.46 23.07
CA ILE A 740 0.04 17.66 22.36
C ILE A 740 -0.50 16.29 22.00
N ILE A 741 -1.74 16.00 22.39
CA ILE A 741 -2.25 14.64 22.37
C ILE A 741 -2.49 14.16 20.94
N ARG A 742 -2.62 15.07 19.98
CA ARG A 742 -2.75 14.62 18.60
C ARG A 742 -1.38 14.44 17.97
N LEU A 743 -0.39 15.22 18.38
CA LEU A 743 0.94 15.02 17.85
C LEU A 743 1.60 13.80 18.44
N TYR A 744 1.32 13.51 19.71
CA TYR A 744 1.79 12.25 20.30
C TYR A 744 1.20 11.07 19.59
N LEU A 745 -0.05 11.19 19.17
CA LEU A 745 -0.76 10.05 18.64
C LEU A 745 -0.43 9.84 17.18
N THR A 746 0.27 10.79 16.54
CA THR A 746 0.76 10.62 15.19
C THR A 746 2.25 10.40 15.10
N VAL A 747 3.01 10.74 16.12
CA VAL A 747 4.41 10.33 16.14
C VAL A 747 4.50 8.82 16.31
N MET A 748 3.72 8.28 17.24
CA MET A 748 3.65 6.84 17.39
C MET A 748 2.90 6.15 16.27
N TYR A 749 2.39 6.86 15.29
CA TYR A 749 1.91 6.16 14.12
C TYR A 749 2.97 6.10 13.04
N ILE A 750 3.64 7.21 12.78
CA ILE A 750 4.61 7.26 11.70
C ILE A 750 5.83 6.43 12.05
N MET A 751 6.19 6.41 13.33
CA MET A 751 7.28 5.54 13.78
C MET A 751 6.89 4.09 13.68
N LEU A 752 5.69 3.77 14.11
CA LEU A 752 5.29 2.37 14.18
C LEU A 752 4.80 1.87 12.83
N LYS A 753 4.66 2.74 11.84
CA LYS A 753 4.46 2.27 10.48
C LYS A 753 5.77 2.08 9.75
N ASN A 754 6.63 3.11 9.75
CA ASN A 754 7.84 3.06 8.95
C ASN A 754 8.81 2.00 9.43
N LEU A 755 8.63 1.49 10.63
CA LEU A 755 9.38 0.31 11.03
C LEU A 755 8.74 -1.00 10.60
N VAL A 756 7.75 -1.01 9.73
CA VAL A 756 7.34 -2.23 9.07
C VAL A 756 7.25 -2.03 7.55
N ASN A 757 7.31 -0.79 7.07
CA ASN A 757 7.62 -0.61 5.66
C ASN A 757 9.09 -0.93 5.45
N VAL A 758 9.90 -0.85 6.50
CA VAL A 758 11.27 -1.33 6.40
C VAL A 758 11.32 -2.82 6.57
N ASN A 759 10.48 -3.37 7.46
CA ASN A 759 10.41 -4.81 7.61
C ASN A 759 9.89 -5.47 6.37
N ALA A 760 9.07 -4.79 5.59
CA ALA A 760 8.57 -5.41 4.38
C ALA A 760 9.59 -5.38 3.25
N ARG A 761 10.73 -4.72 3.44
CA ARG A 761 11.83 -4.90 2.50
C ARG A 761 12.47 -6.26 2.70
N TYR A 762 12.40 -6.80 3.90
CA TYR A 762 13.04 -8.06 4.19
C TYR A 762 12.06 -9.20 4.08
N VAL A 763 10.78 -8.89 3.98
CA VAL A 763 9.78 -9.88 3.62
C VAL A 763 9.88 -10.21 2.15
N ILE A 764 10.05 -9.16 1.32
CA ILE A 764 10.30 -9.31 -0.10
C ILE A 764 11.55 -10.12 -0.35
N ALA A 765 12.61 -9.84 0.40
CA ALA A 765 13.88 -10.51 0.18
C ALA A 765 13.81 -11.97 0.56
N PHE A 766 13.20 -12.29 1.69
CA PHE A 766 13.03 -13.70 2.06
C PHE A 766 11.90 -14.37 1.35
N HIS A 767 11.09 -13.65 0.57
CA HIS A 767 10.28 -14.36 -0.40
C HIS A 767 11.05 -14.57 -1.68
N CYS A 768 11.83 -13.59 -2.10
CA CYS A 768 12.61 -13.73 -3.31
C CYS A 768 13.91 -14.48 -3.12
N VAL A 769 14.07 -15.19 -2.00
CA VAL A 769 15.08 -16.22 -1.87
C VAL A 769 14.45 -17.59 -2.00
N GLU A 770 13.30 -17.78 -1.36
CA GLU A 770 12.59 -19.04 -1.53
C GLU A 770 11.92 -19.13 -2.89
N ARG A 771 11.71 -18.00 -3.58
CA ARG A 771 11.29 -18.04 -4.96
C ARG A 771 12.42 -18.46 -5.88
N ASP A 772 13.63 -17.97 -5.62
CA ASP A 772 14.75 -18.30 -6.49
C ASP A 772 15.35 -19.66 -6.17
N THR A 773 14.93 -20.31 -5.10
CA THR A 773 15.39 -21.67 -4.85
C THR A 773 14.75 -22.63 -5.82
N LYS A 774 13.42 -22.57 -5.94
CA LYS A 774 12.75 -23.42 -6.91
C LYS A 774 13.02 -22.98 -8.36
N LEU A 775 13.56 -21.79 -8.56
CA LEU A 775 13.97 -21.39 -9.90
C LEU A 775 15.37 -21.89 -10.22
N TYR A 776 16.35 -21.63 -9.36
CA TYR A 776 17.70 -22.09 -9.65
C TYR A 776 17.83 -23.60 -9.53
N ALA A 777 17.00 -24.28 -8.74
CA ALA A 777 17.12 -25.73 -8.66
C ALA A 777 16.61 -26.39 -9.93
N GLU A 778 15.74 -25.73 -10.67
CA GLU A 778 15.30 -26.24 -11.95
C GLU A 778 16.24 -25.84 -13.08
N SER A 779 17.14 -24.91 -12.82
CA SER A 779 18.14 -24.50 -13.79
C SER A 779 19.40 -25.35 -13.75
N GLY A 780 19.29 -26.58 -13.26
CA GLY A 780 20.44 -27.46 -13.22
C GLY A 780 21.50 -27.06 -12.21
N LEU A 781 21.12 -26.36 -11.16
CA LEU A 781 22.06 -25.90 -10.14
C LEU A 781 21.72 -26.59 -8.84
N GLU A 782 22.62 -27.47 -8.39
CA GLU A 782 22.35 -28.30 -7.23
C GLU A 782 22.44 -27.48 -5.96
N VAL A 783 21.30 -26.96 -5.52
CA VAL A 783 21.26 -26.02 -4.41
C VAL A 783 21.19 -26.75 -3.09
N GLY A 784 20.15 -27.55 -2.91
CA GLY A 784 19.96 -28.24 -1.65
C GLY A 784 18.89 -27.58 -0.81
N ASN A 785 18.85 -27.97 0.46
CA ASN A 785 17.82 -27.50 1.35
C ASN A 785 18.06 -26.04 1.71
N ILE A 786 17.00 -25.34 2.07
CA ILE A 786 17.12 -23.96 2.51
C ILE A 786 16.44 -23.68 3.84
N GLU A 787 15.48 -24.50 4.28
CA GLU A 787 14.89 -24.27 5.59
C GLU A 787 15.84 -24.58 6.72
N LYS A 788 16.89 -25.36 6.47
CA LYS A 788 17.91 -25.55 7.49
C LYS A 788 18.88 -24.38 7.51
N ASN A 789 19.31 -23.91 6.34
CA ASN A 789 20.26 -22.81 6.24
C ASN A 789 19.81 -21.90 5.11
N LYS A 790 19.50 -20.65 5.45
CA LYS A 790 19.00 -19.73 4.45
C LYS A 790 20.08 -19.25 3.51
N THR A 791 21.35 -19.41 3.86
CA THR A 791 22.41 -18.97 2.99
C THR A 791 22.79 -20.00 1.94
N ASN A 792 22.03 -21.09 1.79
CA ASN A 792 22.45 -22.14 0.89
C ASN A 792 22.36 -21.75 -0.56
N LEU A 793 21.49 -20.80 -0.90
CA LEU A 793 21.38 -20.38 -2.29
C LEU A 793 22.56 -19.51 -2.67
N THR A 794 22.91 -18.56 -1.81
CA THR A 794 24.00 -17.66 -2.16
C THR A 794 25.36 -18.31 -2.06
N MET A 795 25.44 -19.55 -1.61
CA MET A 795 26.64 -20.34 -1.79
C MET A 795 26.56 -21.14 -3.07
N ALA A 796 25.46 -21.86 -3.27
CA ALA A 796 25.31 -22.72 -4.44
C ALA A 796 25.23 -21.94 -5.73
N VAL A 797 24.89 -20.65 -5.67
CA VAL A 797 25.09 -19.78 -6.81
C VAL A 797 26.57 -19.58 -7.07
N MET A 798 27.34 -19.35 -6.01
CA MET A 798 28.75 -19.06 -6.21
C MET A 798 29.65 -20.27 -6.01
N GLY A 799 29.08 -21.49 -5.98
CA GLY A 799 29.86 -22.70 -5.96
C GLY A 799 30.53 -23.05 -4.64
N VAL A 800 30.57 -22.12 -3.68
CA VAL A 800 31.12 -22.39 -2.37
C VAL A 800 30.22 -23.36 -1.64
N LYS A 801 30.81 -24.23 -0.81
CA LYS A 801 30.03 -25.12 0.02
C LYS A 801 30.64 -25.19 1.40
N LEU A 802 29.83 -25.61 2.36
CA LEU A 802 30.36 -26.08 3.63
C LEU A 802 30.90 -27.49 3.44
N GLU A 803 31.83 -27.89 4.32
CA GLU A 803 32.31 -29.25 4.28
C GLU A 803 32.42 -29.91 5.65
N ASN A 804 32.53 -29.15 6.74
CA ASN A 804 32.58 -29.76 8.06
C ASN A 804 31.77 -28.96 9.09
N GLY A 805 30.86 -28.11 8.63
CA GLY A 805 30.15 -27.19 9.49
C GLY A 805 30.40 -25.73 9.17
N ILE A 806 31.53 -25.41 8.54
CA ILE A 806 31.81 -24.06 8.06
C ILE A 806 32.40 -24.15 6.66
N ILE A 807 32.78 -22.99 6.13
CA ILE A 807 33.31 -22.87 4.78
C ILE A 807 34.83 -22.99 4.83
N LYS A 808 35.36 -23.97 4.11
CA LYS A 808 36.80 -24.10 3.91
C LYS A 808 37.16 -24.07 2.44
N THR A 809 36.35 -23.37 1.64
CA THR A 809 36.56 -23.26 0.20
C THR A 809 36.89 -21.79 -0.06
N GLU A 810 38.16 -21.44 0.14
CA GLU A 810 38.55 -20.04 0.15
C GLU A 810 38.80 -19.56 -1.27
N PHE A 811 39.31 -18.34 -1.41
CA PHE A 811 39.19 -17.57 -2.62
C PHE A 811 40.28 -17.91 -3.64
N ASP A 812 39.90 -17.85 -4.92
CA ASP A 812 40.84 -17.55 -6.01
C ASP A 812 40.06 -16.86 -7.11
N LYS A 813 40.64 -16.78 -8.30
CA LYS A 813 40.02 -16.04 -9.40
C LYS A 813 39.00 -16.88 -10.16
N SER A 814 39.20 -18.20 -10.20
CA SER A 814 38.43 -19.07 -11.08
C SER A 814 36.99 -19.27 -10.62
N PHE A 815 36.68 -18.95 -9.37
CA PHE A 815 35.28 -19.03 -8.95
C PHE A 815 34.45 -17.90 -9.54
N ALA A 816 35.03 -16.72 -9.70
CA ALA A 816 34.28 -15.55 -10.12
C ALA A 816 33.84 -15.64 -11.57
N GLU A 817 34.47 -16.48 -12.36
CA GLU A 817 34.06 -16.71 -13.74
C GLU A 817 33.09 -17.85 -13.87
N ASN A 818 32.83 -18.56 -12.78
CA ASN A 818 32.02 -19.76 -12.80
C ASN A 818 30.82 -19.63 -11.86
N ALA A 819 30.51 -18.42 -11.40
CA ALA A 819 29.31 -18.19 -10.62
C ALA A 819 28.09 -18.26 -11.51
N ALA A 820 26.99 -18.74 -10.94
CA ALA A 820 25.78 -18.94 -11.74
C ALA A 820 24.86 -17.73 -11.71
N ASN A 821 25.43 -16.55 -11.97
CA ASN A 821 24.73 -15.29 -11.77
C ASN A 821 25.55 -14.19 -12.43
N ARG A 822 24.88 -13.23 -13.04
CA ARG A 822 25.66 -12.13 -13.60
C ARG A 822 26.02 -11.08 -12.57
N TYR A 823 25.46 -11.17 -11.36
CA TYR A 823 25.87 -10.24 -10.32
C TYR A 823 27.18 -10.64 -9.71
N LEU A 824 27.40 -11.93 -9.52
CA LEU A 824 28.59 -12.44 -8.86
C LEU A 824 29.72 -12.71 -9.84
N ARG A 825 29.71 -12.08 -11.01
CA ARG A 825 30.84 -12.20 -11.91
C ARG A 825 32.04 -11.44 -11.40
N ASN A 826 31.85 -10.17 -11.06
CA ASN A 826 32.98 -9.32 -10.75
C ASN A 826 33.58 -9.67 -9.40
N ALA A 827 34.89 -9.48 -9.32
CA ALA A 827 35.68 -10.18 -8.32
C ALA A 827 35.46 -9.61 -6.93
N ARG A 828 35.47 -8.29 -6.80
CA ARG A 828 35.39 -7.71 -5.47
C ARG A 828 34.01 -7.88 -4.86
N TRP A 829 32.96 -7.85 -5.68
CA TRP A 829 31.64 -8.11 -5.14
C TRP A 829 31.46 -9.58 -4.86
N TYR A 830 32.17 -10.44 -5.57
CA TYR A 830 32.26 -11.83 -5.14
C TYR A 830 33.08 -11.96 -3.89
N LYS A 831 34.07 -11.09 -3.71
CA LYS A 831 35.03 -11.26 -2.63
C LYS A 831 34.41 -10.95 -1.28
N LEU A 832 33.81 -9.77 -1.13
CA LEU A 832 33.40 -9.35 0.19
C LEU A 832 32.13 -10.07 0.64
N ILE A 833 31.32 -10.56 -0.30
CA ILE A 833 30.22 -11.42 0.11
C ILE A 833 30.77 -12.73 0.63
N LEU A 834 31.85 -13.24 0.03
CA LEU A 834 32.52 -14.40 0.58
C LEU A 834 33.14 -14.11 1.94
N ASP A 835 33.61 -12.88 2.14
CA ASP A 835 34.12 -12.49 3.45
C ASP A 835 33.02 -12.44 4.48
N ASN A 836 31.88 -11.82 4.14
CA ASN A 836 30.79 -11.74 5.09
C ASN A 836 30.10 -13.06 5.31
N LEU A 837 30.12 -13.95 4.31
CA LEU A 837 29.44 -15.22 4.47
C LEU A 837 30.18 -16.14 5.42
N LYS A 838 31.51 -16.02 5.49
CA LYS A 838 32.29 -16.87 6.36
C LYS A 838 32.18 -16.48 7.83
N LYS A 839 31.59 -15.32 8.14
CA LYS A 839 31.45 -14.86 9.51
C LYS A 839 29.99 -14.64 9.88
N SER A 840 29.09 -15.44 9.31
CA SER A 840 27.68 -15.41 9.67
C SER A 840 27.24 -16.82 9.95
N GLU A 841 26.82 -17.07 11.18
CA GLU A 841 26.46 -18.43 11.54
C GLU A 841 25.10 -18.79 10.95
N ARG A 842 24.85 -20.10 10.91
CA ARG A 842 23.57 -20.58 10.40
C ARG A 842 22.44 -20.19 11.34
N ALA A 843 22.66 -20.29 12.64
CA ALA A 843 21.55 -20.27 13.58
C ALA A 843 20.99 -18.87 13.76
N VAL A 844 21.80 -17.83 13.54
CA VAL A 844 21.28 -16.48 13.72
C VAL A 844 20.47 -16.07 12.51
N VAL A 845 20.68 -16.74 11.38
CA VAL A 845 19.94 -16.38 10.18
C VAL A 845 18.57 -17.02 10.22
N ASN A 846 18.48 -18.26 10.71
CA ASN A 846 17.20 -18.90 10.91
C ASN A 846 16.33 -18.21 11.96
N GLU A 847 16.94 -17.45 12.87
CA GLU A 847 16.13 -16.60 13.72
C GLU A 847 15.74 -15.32 13.01
N PHE A 848 16.66 -14.74 12.25
CA PHE A 848 16.33 -13.58 11.43
C PHE A 848 15.35 -13.93 10.31
N ALA A 849 15.24 -15.20 9.94
CA ALA A 849 14.17 -15.62 9.04
C ALA A 849 12.81 -15.39 9.66
N ASN A 850 12.51 -16.08 10.75
CA ASN A 850 11.20 -15.91 11.38
C ASN A 850 11.15 -14.74 12.34
N THR A 851 12.06 -13.77 12.22
CA THR A 851 11.85 -12.50 12.88
C THR A 851 11.25 -11.50 11.91
N VAL A 852 11.72 -11.45 10.68
CA VAL A 852 11.10 -10.53 9.73
C VAL A 852 9.82 -11.09 9.15
N CYS A 853 9.59 -12.39 9.23
CA CYS A 853 8.39 -12.93 8.61
C CYS A 853 7.22 -12.93 9.57
N ALA A 854 7.45 -13.23 10.83
CA ALA A 854 6.42 -13.11 11.84
C ALA A 854 6.48 -11.78 12.57
N LEU A 855 7.31 -10.86 12.09
CA LEU A 855 7.34 -9.45 12.49
C LEU A 855 7.74 -9.26 13.95
N ASN A 856 8.42 -10.23 14.53
CA ASN A 856 8.72 -10.15 15.95
C ASN A 856 9.78 -9.12 16.29
N ALA A 857 10.39 -8.46 15.30
CA ALA A 857 11.37 -7.44 15.64
C ALA A 857 10.69 -6.19 16.14
N ILE A 858 9.48 -5.91 15.64
CA ILE A 858 8.76 -4.70 16.03
C ILE A 858 7.43 -5.01 16.69
N ARG A 859 6.95 -6.24 16.66
CA ARG A 859 5.67 -6.51 17.26
C ARG A 859 5.75 -6.49 18.77
N ASN A 860 6.94 -6.71 19.33
CA ASN A 860 7.26 -6.26 20.68
C ASN A 860 8.46 -5.33 20.57
N ILE A 861 8.18 -4.08 20.25
CA ILE A 861 9.20 -3.06 20.01
C ILE A 861 9.70 -2.46 21.32
N ASN A 862 8.85 -2.40 22.35
CA ASN A 862 9.17 -1.62 23.55
C ASN A 862 10.30 -2.22 24.37
N ILE A 863 10.45 -3.54 24.36
CA ILE A 863 11.61 -4.14 25.01
C ILE A 863 12.86 -3.89 24.19
N ASN A 864 12.73 -3.96 22.87
CA ASN A 864 13.90 -3.97 22.01
C ASN A 864 14.44 -2.58 21.69
N ILE A 865 13.93 -1.53 22.32
CA ILE A 865 14.28 -0.18 21.89
C ILE A 865 14.78 0.59 23.12
N LYS A 866 14.99 -0.13 24.23
CA LYS A 866 15.10 0.51 25.53
C LYS A 866 16.36 1.37 25.67
N GLU A 867 17.42 1.06 24.95
CA GLU A 867 18.63 1.89 24.98
C GLU A 867 19.00 2.24 23.55
N ILE A 868 18.66 3.45 23.13
CA ILE A 868 19.19 4.01 21.89
C ILE A 868 20.11 5.15 22.26
N LYS A 869 21.32 5.13 21.74
CA LYS A 869 22.15 6.32 21.89
C LYS A 869 21.76 7.38 20.86
N GLU A 870 21.54 6.98 19.61
CA GLU A 870 21.14 7.92 18.57
C GLU A 870 20.47 7.15 17.45
N VAL A 871 19.36 7.69 16.94
CA VAL A 871 18.74 7.21 15.71
C VAL A 871 18.82 8.32 14.69
N GLU A 872 19.43 8.02 13.54
CA GLU A 872 19.54 8.98 12.47
C GLU A 872 18.68 8.65 11.25
N ASN A 873 18.24 7.40 11.11
CA ASN A 873 17.37 6.98 10.01
C ASN A 873 16.70 5.67 10.38
N TYR A 874 15.59 5.37 9.69
CA TYR A 874 14.79 4.19 10.02
C TYR A 874 15.48 2.90 9.68
N PHE A 875 16.55 2.92 8.90
CA PHE A 875 17.34 1.71 8.73
C PHE A 875 18.04 1.36 10.02
N ALA A 876 18.58 2.38 10.70
CA ALA A 876 19.26 2.16 11.97
C ALA A 876 18.29 1.71 13.04
N LEU A 877 17.13 2.36 13.10
CA LEU A 877 16.15 2.05 14.12
C LEU A 877 15.54 0.69 13.88
N TYR A 878 15.51 0.24 12.63
CA TYR A 878 15.00 -1.10 12.41
C TYR A 878 16.00 -2.14 12.85
N HIS A 879 17.26 -1.92 12.57
CA HIS A 879 18.21 -2.99 12.83
C HIS A 879 18.63 -3.08 14.28
N TYR A 880 18.65 -1.97 15.02
CA TYR A 880 18.85 -2.08 16.45
C TYR A 880 17.69 -2.82 17.08
N LEU A 881 16.49 -2.66 16.53
CA LEU A 881 15.35 -3.46 16.95
C LEU A 881 15.45 -4.89 16.48
N ILE A 882 16.39 -5.20 15.60
CA ILE A 882 16.47 -6.58 15.16
C ILE A 882 17.81 -7.16 15.58
N GLN A 883 18.75 -6.31 15.95
CA GLN A 883 19.97 -6.86 16.52
C GLN A 883 19.84 -7.11 18.01
N LYS A 884 18.91 -6.45 18.68
CA LYS A 884 18.66 -6.86 20.05
C LYS A 884 17.88 -8.14 20.10
N HIS A 885 16.92 -8.34 19.20
CA HIS A 885 16.07 -9.51 19.25
C HIS A 885 16.84 -10.78 18.98
N LEU A 886 17.96 -10.67 18.27
CA LEU A 886 18.89 -11.78 18.21
C LEU A 886 19.59 -11.97 19.55
N GLU A 887 20.20 -10.91 20.08
CA GLU A 887 20.97 -11.08 21.30
C GLU A 887 20.08 -11.20 22.53
N ASN A 888 18.80 -10.88 22.42
CA ASN A 888 17.88 -11.26 23.48
C ASN A 888 17.70 -12.77 23.49
N ARG A 889 17.68 -13.39 22.31
CA ARG A 889 17.54 -14.83 22.29
C ARG A 889 18.87 -15.55 22.41
N PHE A 890 19.94 -14.94 21.91
CA PHE A 890 21.26 -15.50 22.15
C PHE A 890 21.89 -14.88 23.39
N ALA A 891 21.16 -14.96 24.49
CA ALA A 891 21.63 -14.54 25.80
C ALA A 891 22.11 -15.70 26.64
N ASP A 892 21.84 -16.92 26.21
CA ASP A 892 22.27 -18.11 26.94
C ASP A 892 22.95 -19.10 26.01
N LYS A 893 22.51 -19.11 24.75
CA LYS A 893 22.95 -20.11 23.81
C LYS A 893 24.39 -19.84 23.36
N LYS A 894 25.05 -20.90 22.92
CA LYS A 894 26.44 -20.80 22.53
C LYS A 894 26.54 -20.24 21.12
N VAL A 895 27.36 -19.21 20.96
CA VAL A 895 27.55 -18.57 19.67
C VAL A 895 29.05 -18.47 19.43
N GLU A 896 29.48 -18.52 18.18
CA GLU A 896 30.91 -18.51 17.96
C GLU A 896 31.42 -17.07 17.83
N ARG A 897 32.75 -16.94 17.84
CA ARG A 897 33.42 -15.69 18.18
C ARG A 897 33.18 -14.61 17.14
N ASP A 898 32.98 -15.00 15.88
CA ASP A 898 32.75 -14.02 14.82
C ASP A 898 31.44 -13.28 15.05
N THR A 899 30.36 -14.02 15.33
CA THR A 899 29.09 -13.38 15.66
C THR A 899 29.15 -12.71 17.02
N GLY A 900 29.77 -13.37 17.99
CA GLY A 900 29.81 -12.87 19.36
C GLY A 900 30.60 -11.60 19.53
N ASP A 901 31.43 -11.24 18.56
CA ASP A 901 31.96 -9.89 18.52
C ASP A 901 30.85 -8.88 18.37
N PHE A 902 29.87 -9.18 17.53
CA PHE A 902 28.94 -8.16 17.09
C PHE A 902 27.95 -7.80 18.18
N ILE A 903 27.60 -8.75 19.03
CA ILE A 903 26.78 -8.45 20.19
C ILE A 903 27.55 -7.56 21.16
N SER A 904 28.86 -7.78 21.29
CA SER A 904 29.67 -6.84 22.05
C SER A 904 29.79 -5.50 21.35
N LYS A 905 29.87 -5.49 20.02
CA LYS A 905 29.86 -4.23 19.29
C LYS A 905 28.49 -3.58 19.32
N LEU A 906 27.44 -4.36 19.55
CA LEU A 906 26.10 -3.81 19.69
C LEU A 906 25.97 -3.05 21.00
N GLU A 907 26.73 -3.46 22.01
CA GLU A 907 26.45 -3.04 23.37
C GLU A 907 27.55 -2.17 23.95
N GLU A 908 28.73 -2.13 23.34
CA GLU A 908 29.67 -1.08 23.71
C GLU A 908 29.23 0.26 23.15
N HIS A 909 28.47 0.23 22.07
CA HIS A 909 27.69 1.37 21.63
C HIS A 909 26.25 1.10 22.02
N LYS A 910 25.33 1.92 21.56
CA LYS A 910 23.93 1.56 21.69
C LYS A 910 23.19 1.67 20.36
N THR A 911 23.89 1.97 19.28
CA THR A 911 23.31 1.99 17.96
C THR A 911 23.43 0.60 17.36
N TYR A 912 23.19 0.45 16.06
CA TYR A 912 23.27 -0.87 15.46
C TYR A 912 24.68 -1.12 14.96
N CYS A 913 24.96 -2.36 14.64
CA CYS A 913 26.30 -2.80 14.25
C CYS A 913 26.36 -2.95 12.74
N LYS A 914 27.03 -2.03 12.07
CA LYS A 914 27.01 -1.95 10.62
C LYS A 914 27.76 -3.09 9.95
N ASP A 915 28.52 -3.89 10.69
CA ASP A 915 29.13 -5.07 10.10
C ASP A 915 28.32 -6.32 10.34
N PHE A 916 27.55 -6.34 11.42
CA PHE A 916 26.65 -7.45 11.69
C PHE A 916 25.45 -7.41 10.77
N VAL A 917 25.04 -6.21 10.36
CA VAL A 917 23.89 -6.02 9.51
C VAL A 917 24.14 -6.55 8.10
N LYS A 918 25.39 -6.76 7.73
CA LYS A 918 25.66 -7.33 6.39
C LYS A 918 25.92 -8.84 6.53
N ALA A 919 26.29 -9.28 7.71
CA ALA A 919 26.56 -10.73 7.98
C ALA A 919 25.35 -11.64 7.80
N TYR A 920 24.19 -11.27 8.33
CA TYR A 920 22.98 -12.13 8.24
C TYR A 920 22.05 -11.66 7.09
N CYS A 921 22.48 -10.66 6.33
CA CYS A 921 21.66 -10.14 5.20
C CYS A 921 22.16 -10.88 3.95
N THR A 922 23.14 -11.75 4.12
CA THR A 922 23.76 -12.51 2.99
C THR A 922 22.76 -13.44 2.28
N PRO A 923 21.90 -14.16 3.00
CA PRO A 923 21.10 -15.10 2.17
C PRO A 923 20.59 -14.51 0.89
N PHE A 924 20.14 -13.27 0.93
CA PHE A 924 19.88 -12.51 -0.28
C PHE A 924 21.08 -11.63 -0.62
N GLY A 925 22.19 -12.33 -0.80
CA GLY A 925 23.43 -11.75 -1.24
C GLY A 925 23.83 -12.22 -2.62
N TYR A 926 23.14 -13.25 -3.12
CA TYR A 926 23.32 -13.64 -4.50
C TYR A 926 22.84 -12.57 -5.46
N ASN A 927 21.84 -11.81 -5.04
CA ASN A 927 21.31 -10.70 -5.81
C ASN A 927 22.01 -9.48 -5.26
N LEU A 928 23.04 -9.01 -5.99
CA LEU A 928 23.97 -8.04 -5.44
C LEU A 928 23.31 -6.70 -5.17
N VAL A 929 22.48 -6.22 -6.07
CA VAL A 929 21.88 -4.91 -5.86
C VAL A 929 20.77 -4.99 -4.84
N ARG A 930 20.20 -6.17 -4.61
CA ARG A 930 19.36 -6.33 -3.43
C ARG A 930 20.23 -6.40 -2.20
N TYR A 931 21.43 -6.93 -2.33
CA TYR A 931 22.28 -7.07 -1.16
C TYR A 931 22.89 -5.76 -0.75
N LYS A 932 23.24 -4.91 -1.69
CA LYS A 932 23.75 -3.62 -1.28
C LYS A 932 22.65 -2.72 -0.79
N ASN A 933 21.52 -2.68 -1.48
CA ASN A 933 20.45 -1.78 -1.06
C ASN A 933 19.75 -2.23 0.21
N LEU A 934 19.96 -3.44 0.68
CA LEU A 934 19.34 -3.88 1.91
C LEU A 934 20.38 -4.07 3.00
N THR A 935 21.54 -3.45 2.88
CA THR A 935 22.47 -3.55 3.99
C THR A 935 23.19 -2.27 4.34
N ILE A 936 23.18 -1.25 3.51
CA ILE A 936 23.79 0.03 3.85
C ILE A 936 22.76 1.13 3.70
N ASP A 937 22.48 1.82 4.79
CA ASP A 937 21.61 2.96 4.69
C ASP A 937 22.27 4.05 3.86
N GLY A 938 21.44 4.89 3.29
CA GLY A 938 21.92 5.77 2.26
C GLY A 938 21.66 5.17 0.91
N LEU A 939 21.95 3.89 0.76
CA LEU A 939 21.50 3.15 -0.40
C LEU A 939 20.19 2.44 -0.16
N PHE A 940 19.66 2.50 1.05
CA PHE A 940 18.46 1.75 1.37
C PHE A 940 17.23 2.38 0.77
N ASP A 941 17.09 3.69 0.95
CA ASP A 941 15.81 4.36 0.79
C ASP A 941 15.75 5.10 -0.53
N LYS A 942 14.57 5.10 -1.15
CA LYS A 942 14.39 5.81 -2.40
C LYS A 942 14.44 7.32 -2.20
N ASN A 943 13.87 7.79 -1.11
CA ASN A 943 13.77 9.22 -0.86
C ASN A 943 15.03 9.80 -0.25
N TYR A 944 15.88 8.98 0.37
CA TYR A 944 16.99 9.43 1.19
C TYR A 944 18.30 8.84 0.68
N PRO A 945 18.83 9.33 -0.43
CA PRO A 945 20.10 8.79 -0.92
C PRO A 945 21.26 9.28 -0.07
N GLY A 946 22.29 8.43 0.02
CA GLY A 946 23.42 8.75 0.87
C GLY A 946 24.77 8.42 0.28
N LYS A 947 25.57 7.62 0.99
CA LYS A 947 26.95 7.41 0.60
C LYS A 947 27.31 5.95 0.80
N ASP A 948 28.06 5.40 -0.15
CA ASP A 948 28.39 3.98 -0.22
C ASP A 948 29.44 3.63 0.84
N ASP A 949 29.73 2.34 1.00
CA ASP A 949 30.68 1.94 2.04
C ASP A 949 32.13 1.99 1.56
N SER A 950 32.40 1.43 0.38
CA SER A 950 33.75 1.19 -0.16
C SER A 950 34.70 0.50 0.83
MG MG D . 11.53 -4.50 -12.47
#